data_4RZB
#
_entry.id   4RZB
#
_cell.length_a   101.560
_cell.length_b   141.831
_cell.length_c   86.415
_cell.angle_alpha   90.00
_cell.angle_beta   107.18
_cell.angle_gamma   90.00
#
_symmetry.space_group_name_H-M   'C 1 2 1'
#
loop_
_entity.id
_entity.type
_entity.pdbx_description
1 polymer 'N-formimino-L-Glutamate Iminohydrolase'
2 non-polymer 'N-[(E)-iminomethyl]-L-aspartic acid'
3 non-polymer 'ZINC ION'
4 non-polymer 'MERCURY (II) ION'
5 non-polymer 'SULFATE ION'
6 non-polymer GLYCEROL
7 water water
#
_entity_poly.entity_id   1
_entity_poly.type   'polypeptide(L)'
_entity_poly.pdbx_seq_one_letter_code
;MSAIFAERALLPEGWARNVRFEISADGVLAEIRPDANADGAERLGGAVLPGMPNLHSHAFQRAMAGLAEVAGNPNDSFWT
WRELMYRMVARLSPEQIEVIACQLYIEMLKAGYTAVAEFHYVHHDLDGRSYADPAELSLRISRAASAAGIGLTLLPVLYS
HAGFGGQPASEGQRRFINGSEAYLELLQRLRAPLEAAGHSLGLCFHSLRAVTPQQIATVLAAGHDDLPVHIHIAEQQKEV
DDCQAWSGRRPLQWLYENVAVDQRWCLVHATHADPAEVAAMARSGAVAGLCLSTEANLGDGIFPATDFLAQGGRLGIGSD
SHVSLSVVEELRWLEYGQRLRDRKRNRLYRDDQPMIGRTLYDAALAGGAQALGQPIGSLAVGRRADLLVLDGNDPYLASA
EGDALLNRWLFAGGDRQVRDVMVAGRWVVRDGRHAGEERSARAFVQVLGELLD
;
_entity_poly.pdbx_strand_id   A,B
#
loop_
_chem_comp.id
_chem_comp.type
_chem_comp.name
_chem_comp.formula
GOL non-polymer GLYCEROL 'C3 H8 O3'
HG non-polymer 'MERCURY (II) ION' 'Hg 2'
NFQ non-polymer 'N-[(E)-iminomethyl]-L-aspartic acid' 'C5 H8 N2 O4'
SO4 non-polymer 'SULFATE ION' 'O4 S -2'
ZN non-polymer 'ZINC ION' 'Zn 2'
#
# COMPACT_ATOMS: atom_id res chain seq x y z
N SER A 2 27.49 14.56 -20.00
CA SER A 2 26.54 15.40 -19.26
C SER A 2 26.89 15.38 -17.78
N ALA A 3 26.24 16.24 -16.99
CA ALA A 3 26.47 16.29 -15.56
C ALA A 3 25.25 16.77 -14.78
N ILE A 4 25.10 16.26 -13.56
CA ILE A 4 24.02 16.66 -12.67
C ILE A 4 24.59 16.95 -11.29
N PHE A 5 23.89 17.81 -10.55
CA PHE A 5 24.33 18.27 -9.24
C PHE A 5 23.19 18.15 -8.23
N ALA A 6 23.45 17.44 -7.14
CA ALA A 6 22.41 17.16 -6.15
C ALA A 6 22.79 17.74 -4.80
N GLU A 7 21.89 18.53 -4.22
CA GLU A 7 22.10 18.99 -2.85
C GLU A 7 22.22 17.83 -1.88
N ARG A 8 21.49 16.76 -2.14
CA ARG A 8 21.52 15.57 -1.29
C ARG A 8 21.42 14.33 -2.17
N ALA A 9 22.30 13.36 -1.91
CA ALA A 9 22.27 12.09 -2.65
C ALA A 9 22.74 10.92 -1.78
N LEU A 10 22.12 9.77 -2.01
CA LEU A 10 22.51 8.56 -1.29
C LEU A 10 23.59 7.85 -2.10
N LEU A 11 24.81 7.90 -1.58
CA LEU A 11 25.98 7.26 -2.20
C LEU A 11 26.26 5.93 -1.49
N PRO A 12 27.18 5.11 -2.05
CA PRO A 12 27.37 3.80 -1.42
C PRO A 12 27.81 3.88 0.05
N GLU A 13 28.54 4.94 0.39
CA GLU A 13 29.05 5.09 1.75
C GLU A 13 28.05 5.82 2.64
N GLY A 14 26.92 6.22 2.06
CA GLY A 14 25.86 6.89 2.80
C GLY A 14 25.49 8.22 2.18
N TRP A 15 24.67 8.98 2.89
CA TRP A 15 24.16 10.24 2.40
C TRP A 15 25.27 11.27 2.26
N ALA A 16 25.27 11.99 1.15
CA ALA A 16 26.26 13.03 0.91
C ALA A 16 25.56 14.29 0.48
N ARG A 17 26.29 15.42 0.51
CA ARG A 17 25.76 16.72 0.13
C ARG A 17 26.54 17.31 -1.05
N ASN A 18 25.83 18.08 -1.87
CA ASN A 18 26.44 18.84 -2.96
C ASN A 18 27.31 17.97 -3.86
N VAL A 19 26.69 16.93 -4.40
CA VAL A 19 27.39 15.93 -5.16
C VAL A 19 27.26 16.23 -6.64
N ARG A 20 28.38 16.36 -7.32
CA ARG A 20 28.40 16.55 -8.76
C ARG A 20 28.69 15.22 -9.43
N PHE A 21 27.78 14.77 -10.29
CA PHE A 21 27.95 13.52 -11.04
C PHE A 21 28.27 13.80 -12.49
N GLU A 22 29.40 13.30 -12.99
CA GLU A 22 29.69 13.35 -14.43
C GLU A 22 29.20 12.06 -15.07
N ILE A 23 28.50 12.18 -16.19
CA ILE A 23 27.91 11.02 -16.85
C ILE A 23 28.43 10.92 -18.28
N SER A 24 29.02 9.78 -18.61
CA SER A 24 29.64 9.59 -19.92
C SER A 24 28.57 9.52 -20.99
N ALA A 25 29.00 9.60 -22.24
CA ALA A 25 28.07 9.57 -23.36
C ALA A 25 27.30 8.26 -23.42
N ASP A 26 27.88 7.20 -22.87
CA ASP A 26 27.21 5.90 -22.86
C ASP A 26 26.34 5.63 -21.62
N GLY A 27 26.16 6.66 -20.79
CA GLY A 27 25.24 6.59 -19.67
C GLY A 27 25.82 6.06 -18.37
N VAL A 28 27.15 6.03 -18.28
CA VAL A 28 27.84 5.48 -17.12
C VAL A 28 28.39 6.60 -16.22
N LEU A 29 28.31 6.42 -14.90
CA LEU A 29 28.84 7.39 -13.95
C LEU A 29 30.37 7.44 -14.04
N ALA A 30 30.94 8.58 -14.43
CA ALA A 30 32.37 8.65 -14.72
C ALA A 30 33.17 9.35 -13.63
N GLU A 31 32.49 10.19 -12.85
CA GLU A 31 33.09 10.89 -11.74
C GLU A 31 31.98 11.30 -10.76
N ILE A 32 32.25 11.18 -9.47
CA ILE A 32 31.28 11.57 -8.43
C ILE A 32 32.04 12.33 -7.35
N ARG A 33 31.74 13.61 -7.22
CA ARG A 33 32.43 14.44 -6.24
C ARG A 33 31.45 15.07 -5.25
N PRO A 34 31.47 14.58 -4.00
CA PRO A 34 30.67 15.14 -2.91
C PRO A 34 31.28 16.47 -2.50
N ASP A 35 30.50 17.31 -1.82
CA ASP A 35 30.98 18.61 -1.34
C ASP A 35 31.63 19.43 -2.45
N ALA A 36 30.99 19.46 -3.60
CA ALA A 36 31.59 20.09 -4.77
C ALA A 36 30.83 21.33 -5.18
N ASN A 37 31.38 22.03 -6.18
CA ASN A 37 30.66 23.11 -6.83
C ASN A 37 29.96 22.52 -8.05
N ALA A 38 28.87 23.14 -8.49
CA ALA A 38 28.07 22.58 -9.58
C ALA A 38 28.89 22.52 -10.88
N ASP A 39 29.71 23.55 -11.11
CA ASP A 39 30.60 23.58 -12.27
C ASP A 39 29.92 23.20 -13.57
N GLY A 40 28.78 23.82 -13.85
CA GLY A 40 28.12 23.65 -15.14
C GLY A 40 27.13 22.52 -15.21
N ALA A 41 26.96 21.80 -14.11
CA ALA A 41 26.07 20.64 -14.05
C ALA A 41 24.60 21.06 -13.87
N GLU A 42 23.71 20.13 -14.23
CA GLU A 42 22.26 20.39 -14.16
C GLU A 42 21.75 20.39 -12.74
N ARG A 43 20.87 21.33 -12.41
CA ARG A 43 20.28 21.42 -11.08
C ARG A 43 19.18 20.37 -10.91
N LEU A 44 19.27 19.58 -9.85
CA LEU A 44 18.28 18.55 -9.56
C LEU A 44 17.27 19.09 -8.55
N GLY A 45 16.06 18.57 -8.58
CA GLY A 45 14.99 19.17 -7.80
C GLY A 45 14.66 18.54 -6.46
N GLY A 46 15.45 17.58 -6.01
CA GLY A 46 15.17 16.91 -4.74
C GLY A 46 16.20 15.86 -4.40
N ALA A 47 15.96 15.09 -3.35
CA ALA A 47 16.89 14.04 -2.93
C ALA A 47 17.07 12.98 -3.99
N VAL A 48 18.32 12.58 -4.22
CA VAL A 48 18.64 11.62 -5.27
C VAL A 48 18.95 10.25 -4.69
N LEU A 49 18.29 9.22 -5.22
CA LEU A 49 18.54 7.83 -4.81
C LEU A 49 18.88 6.99 -6.04
N PRO A 50 19.65 5.89 -5.84
CA PRO A 50 19.80 4.91 -6.92
C PRO A 50 18.42 4.39 -7.31
N GLY A 51 18.19 4.14 -8.61
CA GLY A 51 16.91 3.61 -9.02
C GLY A 51 16.75 2.18 -8.53
N MET A 52 15.50 1.75 -8.32
CA MET A 52 15.21 0.40 -7.81
C MET A 52 15.02 -0.63 -8.95
N PRO A 53 15.86 -1.70 -8.97
CA PRO A 53 15.58 -2.78 -9.92
C PRO A 53 14.31 -3.56 -9.55
N ASN A 54 13.54 -3.96 -10.56
CA ASN A 54 12.34 -4.76 -10.39
C ASN A 54 12.73 -6.16 -10.85
N LEU A 55 12.94 -7.08 -9.92
CA LEU A 55 13.59 -8.34 -10.30
C LEU A 55 12.65 -9.46 -10.79
N HIS A 56 11.37 -9.13 -11.00
CA HIS A 56 10.43 -10.17 -11.46
C HIS A 56 9.16 -9.58 -12.05
N SER A 57 8.90 -9.85 -13.32
CA SER A 57 7.75 -9.32 -14.04
C SER A 57 7.18 -10.31 -15.07
N HIS A 58 5.84 -10.45 -15.12
CA HIS A 58 5.18 -11.04 -16.29
C HIS A 58 4.28 -9.98 -16.90
N ALA A 59 4.78 -9.27 -17.91
CA ALA A 59 4.17 -8.01 -18.34
C ALA A 59 2.68 -8.09 -18.66
N PHE A 60 2.28 -9.11 -19.42
CA PHE A 60 0.90 -9.22 -19.88
C PHE A 60 -0.10 -9.24 -18.73
N GLN A 61 0.34 -9.66 -17.54
CA GLN A 61 -0.59 -9.83 -16.44
C GLN A 61 -1.15 -8.49 -15.95
N ARG A 62 -0.45 -7.41 -16.26
CA ARG A 62 -0.97 -6.09 -15.89
C ARG A 62 -2.33 -5.84 -16.55
N ALA A 63 -2.57 -6.44 -17.71
CA ALA A 63 -3.84 -6.27 -18.40
C ALA A 63 -5.04 -6.80 -17.60
N MET A 64 -4.80 -7.78 -16.73
CA MET A 64 -5.85 -8.38 -15.91
C MET A 64 -5.79 -7.95 -14.44
N ALA A 65 -4.84 -7.09 -14.11
CA ALA A 65 -4.62 -6.69 -12.71
C ALA A 65 -5.88 -6.10 -12.09
N GLY A 66 -6.32 -6.70 -10.99
CA GLY A 66 -7.50 -6.25 -10.28
C GLY A 66 -8.78 -6.94 -10.73
N LEU A 67 -8.76 -7.58 -11.88
CA LEU A 67 -9.99 -8.17 -12.41
C LEU A 67 -10.31 -9.51 -11.79
N ALA A 68 -9.33 -10.14 -11.16
CA ALA A 68 -9.52 -11.47 -10.57
C ALA A 68 -9.99 -11.41 -9.13
N GLU A 69 -10.64 -10.31 -8.74
CA GLU A 69 -11.06 -10.14 -7.35
C GLU A 69 -12.57 -10.37 -7.23
N VAL A 70 -13.00 -11.55 -7.67
CA VAL A 70 -14.40 -11.94 -7.66
C VAL A 70 -14.47 -13.33 -7.06
N ALA A 71 -15.21 -13.49 -5.98
CA ALA A 71 -15.31 -14.79 -5.34
C ALA A 71 -16.16 -15.67 -6.25
N GLY A 72 -15.61 -16.81 -6.65
CA GLY A 72 -16.36 -17.75 -7.46
C GLY A 72 -16.56 -19.03 -6.68
N ASN A 73 -15.89 -19.10 -5.54
CA ASN A 73 -15.92 -20.26 -4.66
C ASN A 73 -15.67 -19.74 -3.23
N PRO A 74 -16.17 -20.46 -2.22
CA PRO A 74 -15.90 -20.03 -0.83
C PRO A 74 -14.44 -20.10 -0.44
N ASN A 75 -13.63 -20.87 -1.16
CA ASN A 75 -12.20 -20.94 -0.90
C ASN A 75 -11.37 -20.75 -2.17
N ASP A 76 -11.50 -19.57 -2.78
CA ASP A 76 -10.79 -19.26 -4.01
C ASP A 76 -9.29 -19.40 -3.82
N SER A 77 -8.66 -20.01 -4.81
CA SER A 77 -7.27 -20.40 -4.66
C SER A 77 -6.40 -19.78 -5.72
N PHE A 78 -5.11 -19.81 -5.44
CA PHE A 78 -4.07 -19.55 -6.41
C PHE A 78 -4.38 -20.29 -7.72
N TRP A 79 -4.89 -21.52 -7.62
CA TRP A 79 -5.08 -22.33 -8.81
C TRP A 79 -6.24 -21.88 -9.68
N THR A 80 -7.31 -21.38 -9.07
CA THR A 80 -8.42 -20.84 -9.86
C THR A 80 -8.03 -19.48 -10.43
N TRP A 81 -7.21 -18.72 -9.71
CA TRP A 81 -6.65 -17.49 -10.29
C TRP A 81 -5.84 -17.85 -11.52
N ARG A 82 -5.02 -18.90 -11.41
CA ARG A 82 -4.12 -19.25 -12.51
C ARG A 82 -4.89 -19.63 -13.78
N GLU A 83 -6.03 -20.30 -13.61
CA GLU A 83 -6.86 -20.63 -14.78
C GLU A 83 -7.41 -19.38 -15.48
N LEU A 84 -7.80 -18.37 -14.71
CA LEU A 84 -8.25 -17.12 -15.30
C LEU A 84 -7.11 -16.43 -16.07
N MET A 85 -5.92 -16.47 -15.48
CA MET A 85 -4.72 -15.93 -16.12
C MET A 85 -4.44 -16.65 -17.44
N TYR A 86 -4.62 -17.97 -17.43
CA TYR A 86 -4.45 -18.77 -18.64
C TYR A 86 -5.43 -18.33 -19.74
N ARG A 87 -6.67 -18.02 -19.35
CA ARG A 87 -7.67 -17.57 -20.30
C ARG A 87 -7.29 -16.22 -20.92
N MET A 88 -6.65 -15.36 -20.12
CA MET A 88 -6.19 -14.07 -20.62
C MET A 88 -5.09 -14.27 -21.66
N VAL A 89 -4.10 -15.08 -21.30
CA VAL A 89 -2.93 -15.23 -22.14
C VAL A 89 -3.26 -15.88 -23.49
N ALA A 90 -4.33 -16.67 -23.52
CA ALA A 90 -4.75 -17.35 -24.74
C ALA A 90 -5.21 -16.39 -25.84
N ARG A 91 -5.44 -15.13 -25.47
CA ARG A 91 -6.05 -14.15 -26.37
C ARG A 91 -5.05 -13.16 -26.97
N LEU A 92 -3.84 -13.12 -26.43
CA LEU A 92 -2.91 -12.02 -26.74
C LEU A 92 -2.16 -12.15 -28.05
N SER A 93 -2.21 -11.08 -28.85
CA SER A 93 -1.45 -10.99 -30.08
C SER A 93 -0.09 -10.37 -29.77
N PRO A 94 0.87 -10.50 -30.70
CA PRO A 94 2.19 -9.87 -30.52
C PRO A 94 2.07 -8.37 -30.31
N GLU A 95 1.14 -7.75 -31.03
N GLU A 95 1.17 -7.71 -31.03
CA GLU A 95 0.92 -6.31 -30.97
CA GLU A 95 1.02 -6.26 -30.88
C GLU A 95 0.36 -5.89 -29.60
C GLU A 95 0.43 -5.92 -29.51
N GLN A 96 -0.57 -6.68 -29.08
CA GLN A 96 -1.16 -6.44 -27.76
C GLN A 96 -0.12 -6.59 -26.66
N ILE A 97 0.72 -7.61 -26.78
CA ILE A 97 1.81 -7.82 -25.83
C ILE A 97 2.78 -6.64 -25.81
N GLU A 98 3.11 -6.12 -26.97
CA GLU A 98 4.01 -4.96 -27.02
C GLU A 98 3.35 -3.72 -26.40
N VAL A 99 2.08 -3.48 -26.71
CA VAL A 99 1.36 -2.34 -26.18
C VAL A 99 1.29 -2.41 -24.64
N ILE A 100 0.97 -3.59 -24.13
CA ILE A 100 0.82 -3.76 -22.68
C ILE A 100 2.15 -3.52 -22.00
N ALA A 101 3.21 -4.10 -22.55
CA ALA A 101 4.56 -3.95 -21.98
C ALA A 101 5.00 -2.49 -21.93
N CYS A 102 4.76 -1.75 -23.00
N CYS A 102 4.76 -1.77 -23.02
CA CYS A 102 5.19 -0.36 -22.99
CA CYS A 102 5.11 -0.35 -23.09
C CYS A 102 4.46 0.46 -21.93
C CYS A 102 4.45 0.44 -21.97
N GLN A 103 3.13 0.27 -21.83
CA GLN A 103 2.36 0.96 -20.82
C GLN A 103 2.87 0.62 -19.43
N LEU A 104 3.10 -0.67 -19.20
CA LEU A 104 3.55 -1.17 -17.91
C LEU A 104 4.91 -0.59 -17.54
N TYR A 105 5.83 -0.57 -18.49
CA TYR A 105 7.19 -0.11 -18.18
C TYR A 105 7.21 1.40 -17.93
N ILE A 106 6.37 2.15 -18.64
CA ILE A 106 6.19 3.57 -18.34
C ILE A 106 5.70 3.74 -16.89
N GLU A 107 4.72 2.92 -16.49
CA GLU A 107 4.21 3.03 -15.13
C GLU A 107 5.27 2.62 -14.11
N MET A 108 6.06 1.59 -14.43
CA MET A 108 7.17 1.21 -13.58
C MET A 108 8.16 2.36 -13.36
N LEU A 109 8.57 2.99 -14.46
CA LEU A 109 9.48 4.13 -14.37
C LEU A 109 8.95 5.22 -13.44
N LYS A 110 7.68 5.57 -13.59
CA LYS A 110 7.07 6.61 -12.75
C LYS A 110 7.08 6.26 -11.27
N ALA A 111 7.10 4.98 -10.96
CA ALA A 111 7.12 4.51 -9.56
C ALA A 111 8.53 4.44 -8.98
N GLY A 112 9.54 4.62 -9.83
CA GLY A 112 10.92 4.55 -9.39
C GLY A 112 11.63 3.24 -9.73
N TYR A 113 10.98 2.36 -10.49
CA TYR A 113 11.66 1.16 -10.98
C TYR A 113 12.42 1.51 -12.24
N THR A 114 13.75 1.35 -12.22
CA THR A 114 14.58 1.81 -13.34
C THR A 114 15.08 0.68 -14.25
N ALA A 115 14.84 -0.56 -13.86
CA ALA A 115 15.25 -1.70 -14.67
C ALA A 115 14.36 -2.86 -14.28
N VAL A 116 14.10 -3.78 -15.21
CA VAL A 116 13.18 -4.88 -14.93
C VAL A 116 13.71 -6.21 -15.45
N ALA A 117 13.49 -7.28 -14.69
CA ALA A 117 13.75 -8.64 -15.17
C ALA A 117 12.42 -9.25 -15.65
N GLU A 118 12.29 -9.37 -16.95
CA GLU A 118 11.06 -9.88 -17.55
C GLU A 118 11.15 -11.40 -17.67
N PHE A 119 10.39 -12.07 -16.82
CA PHE A 119 10.35 -13.53 -16.69
C PHE A 119 9.32 -13.94 -17.73
N HIS A 120 9.80 -14.19 -18.95
CA HIS A 120 8.96 -14.19 -20.14
C HIS A 120 8.70 -15.61 -20.66
N TYR A 121 7.46 -16.09 -20.49
CA TYR A 121 7.13 -17.45 -20.92
C TYR A 121 6.07 -17.55 -22.02
N VAL A 122 5.62 -16.42 -22.53
CA VAL A 122 4.68 -16.48 -23.65
C VAL A 122 5.47 -16.45 -24.95
N HIS A 123 5.61 -17.62 -25.59
CA HIS A 123 6.51 -17.75 -26.73
C HIS A 123 5.81 -17.88 -28.08
N HIS A 124 4.75 -18.67 -28.14
CA HIS A 124 4.19 -19.10 -29.41
C HIS A 124 2.85 -18.47 -29.79
N ASP A 125 2.37 -18.80 -30.99
CA ASP A 125 1.12 -18.26 -31.52
C ASP A 125 -0.07 -18.87 -30.78
N LEU A 126 -1.29 -18.48 -31.17
CA LEU A 126 -2.50 -18.88 -30.44
C LEU A 126 -2.72 -20.39 -30.37
N ASP A 127 -2.29 -21.12 -31.38
CA ASP A 127 -2.47 -22.57 -31.40
C ASP A 127 -1.24 -23.31 -30.87
N GLY A 128 -0.30 -22.58 -30.30
CA GLY A 128 0.90 -23.19 -29.75
C GLY A 128 1.99 -23.41 -30.79
N ARG A 129 1.72 -23.05 -32.04
CA ARG A 129 2.72 -23.17 -33.10
C ARG A 129 3.67 -21.99 -33.06
N SER A 130 4.92 -22.22 -33.46
CA SER A 130 5.92 -21.17 -33.34
C SER A 130 5.65 -20.04 -34.34
N TYR A 131 6.14 -18.85 -34.01
CA TYR A 131 6.11 -17.73 -34.95
C TYR A 131 7.20 -17.95 -36.00
N ALA A 132 7.06 -17.28 -37.14
CA ALA A 132 8.03 -17.37 -38.22
C ALA A 132 9.43 -17.08 -37.69
N ASP A 133 9.54 -16.03 -36.89
CA ASP A 133 10.71 -15.82 -36.05
C ASP A 133 10.32 -16.29 -34.64
N PRO A 134 10.94 -17.38 -34.17
CA PRO A 134 10.57 -17.95 -32.86
C PRO A 134 10.78 -16.96 -31.71
N ALA A 135 11.66 -15.97 -31.91
CA ALA A 135 11.91 -14.98 -30.87
C ALA A 135 10.92 -13.81 -30.89
N GLU A 136 9.93 -13.87 -31.78
CA GLU A 136 8.98 -12.77 -31.97
C GLU A 136 8.53 -12.05 -30.71
N LEU A 137 7.98 -12.78 -29.74
CA LEU A 137 7.43 -12.13 -28.54
C LEU A 137 8.51 -11.59 -27.60
N SER A 138 9.66 -12.27 -27.55
CA SER A 138 10.80 -11.77 -26.80
C SER A 138 11.27 -10.42 -27.37
N LEU A 139 11.28 -10.32 -28.69
CA LEU A 139 11.70 -9.07 -29.33
C LEU A 139 10.71 -7.94 -29.07
N ARG A 140 9.42 -8.26 -28.97
CA ARG A 140 8.41 -7.24 -28.63
C ARG A 140 8.70 -6.68 -27.25
N ILE A 141 9.10 -7.54 -26.33
CA ILE A 141 9.41 -7.12 -24.97
C ILE A 141 10.57 -6.13 -24.99
N SER A 142 11.63 -6.52 -25.70
CA SER A 142 12.81 -5.67 -25.85
C SER A 142 12.47 -4.32 -26.50
N ARG A 143 11.69 -4.33 -27.58
CA ARG A 143 11.27 -3.09 -28.23
C ARG A 143 10.46 -2.18 -27.29
N ALA A 144 9.62 -2.81 -26.46
CA ALA A 144 8.84 -2.07 -25.48
C ALA A 144 9.73 -1.45 -24.40
N ALA A 145 10.69 -2.20 -23.90
CA ALA A 145 11.61 -1.65 -22.90
C ALA A 145 12.37 -0.44 -23.47
N SER A 146 12.81 -0.55 -24.72
CA SER A 146 13.51 0.54 -25.39
C SER A 146 12.65 1.79 -25.56
N ALA A 147 11.38 1.60 -25.92
CA ALA A 147 10.46 2.72 -26.09
C ALA A 147 10.19 3.43 -24.76
N ALA A 148 10.02 2.65 -23.69
CA ALA A 148 9.82 3.25 -22.38
C ALA A 148 11.12 3.87 -21.86
N GLY A 149 12.23 3.19 -22.11
CA GLY A 149 13.54 3.65 -21.66
C GLY A 149 13.98 2.98 -20.37
N ILE A 150 13.36 1.84 -20.04
CA ILE A 150 13.66 1.13 -18.81
C ILE A 150 14.76 0.09 -19.05
N GLY A 151 15.61 -0.16 -18.05
CA GLY A 151 16.63 -1.19 -18.18
C GLY A 151 15.91 -2.52 -18.31
N LEU A 152 16.53 -3.49 -18.96
CA LEU A 152 15.87 -4.79 -19.13
C LEU A 152 16.84 -5.97 -19.11
N THR A 153 16.54 -6.94 -18.26
CA THR A 153 17.11 -8.27 -18.41
C THR A 153 15.96 -9.17 -18.84
N LEU A 154 16.02 -9.66 -20.07
CA LEU A 154 15.02 -10.57 -20.58
C LEU A 154 15.36 -11.98 -20.11
N LEU A 155 14.38 -12.66 -19.53
CA LEU A 155 14.55 -14.05 -19.09
C LEU A 155 13.58 -14.91 -19.87
N PRO A 156 13.98 -15.38 -21.06
CA PRO A 156 13.11 -16.34 -21.74
C PRO A 156 12.99 -17.58 -20.85
N VAL A 157 11.79 -18.11 -20.74
CA VAL A 157 11.53 -19.17 -19.75
C VAL A 157 11.42 -20.54 -20.41
N LEU A 158 12.16 -21.53 -19.87
CA LEU A 158 11.94 -22.93 -20.22
C LEU A 158 10.69 -23.42 -19.48
N TYR A 159 9.71 -23.90 -20.25
CA TYR A 159 8.45 -24.40 -19.72
C TYR A 159 8.07 -25.60 -20.56
N SER A 160 7.90 -26.77 -19.94
CA SER A 160 7.74 -28.00 -20.71
C SER A 160 6.62 -28.92 -20.22
N HIS A 161 6.21 -28.75 -18.97
CA HIS A 161 5.36 -29.75 -18.33
C HIS A 161 4.32 -29.13 -17.43
N ALA A 162 3.27 -29.89 -17.16
CA ALA A 162 2.17 -29.43 -16.33
C ALA A 162 2.38 -29.75 -14.84
N GLY A 163 3.40 -30.54 -14.53
CA GLY A 163 3.65 -30.94 -13.16
C GLY A 163 4.87 -31.85 -13.03
N PHE A 164 5.24 -32.16 -11.77
CA PHE A 164 6.40 -33.00 -11.48
C PHE A 164 6.32 -34.32 -12.24
N GLY A 165 7.48 -34.91 -12.51
CA GLY A 165 7.53 -36.19 -13.19
C GLY A 165 7.44 -36.08 -14.70
N GLY A 166 7.61 -34.88 -15.23
CA GLY A 166 7.48 -34.66 -16.66
C GLY A 166 6.06 -34.86 -17.16
N GLN A 167 5.09 -34.43 -16.36
CA GLN A 167 3.69 -34.51 -16.78
C GLN A 167 3.46 -33.71 -18.05
N PRO A 168 2.73 -34.29 -19.03
CA PRO A 168 2.51 -33.56 -20.28
C PRO A 168 1.89 -32.19 -20.06
N ALA A 169 2.30 -31.20 -20.84
CA ALA A 169 1.78 -29.85 -20.72
C ALA A 169 0.28 -29.87 -20.99
N SER A 170 -0.45 -29.00 -20.32
CA SER A 170 -1.88 -28.88 -20.52
C SER A 170 -2.14 -28.00 -21.73
N GLU A 171 -3.36 -28.08 -22.27
CA GLU A 171 -3.77 -27.25 -23.39
C GLU A 171 -3.56 -25.76 -23.12
N GLY A 172 -3.84 -25.35 -21.88
CA GLY A 172 -3.75 -23.95 -21.50
C GLY A 172 -2.32 -23.43 -21.43
N GLN A 173 -1.36 -24.35 -21.48
CA GLN A 173 0.05 -24.00 -21.38
C GLN A 173 0.73 -24.02 -22.75
N ARG A 174 -0.05 -24.26 -23.79
CA ARG A 174 0.48 -24.48 -25.13
C ARG A 174 1.41 -23.36 -25.66
N ARG A 175 1.16 -22.12 -25.26
CA ARG A 175 1.98 -21.02 -25.77
C ARG A 175 3.36 -20.91 -25.10
N PHE A 176 3.56 -21.68 -24.02
CA PHE A 176 4.77 -21.55 -23.20
C PHE A 176 5.84 -22.57 -23.59
N ILE A 177 5.43 -23.61 -24.31
CA ILE A 177 6.19 -24.87 -24.35
C ILE A 177 7.36 -24.90 -25.33
N ASN A 178 8.54 -25.21 -24.79
CA ASN A 178 9.70 -25.59 -25.60
C ASN A 178 10.42 -26.75 -24.94
N GLY A 179 10.99 -27.65 -25.74
CA GLY A 179 11.94 -28.62 -25.20
C GLY A 179 13.28 -27.92 -24.95
N SER A 180 14.21 -28.63 -24.32
CA SER A 180 15.53 -28.08 -23.99
C SER A 180 16.26 -27.51 -25.19
N GLU A 181 16.25 -28.29 -26.27
CA GLU A 181 17.00 -27.94 -27.47
C GLU A 181 16.49 -26.63 -28.09
N ALA A 182 15.18 -26.57 -28.30
CA ALA A 182 14.57 -25.37 -28.85
C ALA A 182 14.80 -24.18 -27.94
N TYR A 183 14.76 -24.40 -26.63
CA TYR A 183 14.97 -23.32 -25.66
C TYR A 183 16.40 -22.76 -25.77
N LEU A 184 17.38 -23.66 -25.82
CA LEU A 184 18.77 -23.25 -25.98
C LEU A 184 18.99 -22.53 -27.31
N GLU A 185 18.30 -22.94 -28.37
CA GLU A 185 18.35 -22.21 -29.64
C GLU A 185 17.84 -20.77 -29.50
N LEU A 186 16.67 -20.63 -28.89
CA LEU A 186 16.05 -19.31 -28.68
C LEU A 186 16.96 -18.40 -27.88
N LEU A 187 17.56 -18.97 -26.86
CA LEU A 187 18.46 -18.24 -25.99
C LEU A 187 19.64 -17.71 -26.79
N GLN A 188 20.26 -18.58 -27.58
CA GLN A 188 21.40 -18.18 -28.39
C GLN A 188 20.99 -17.13 -29.43
N ARG A 189 19.81 -17.30 -30.00
CA ARG A 189 19.28 -16.38 -31.01
C ARG A 189 19.07 -14.95 -30.47
N LEU A 190 18.83 -14.84 -29.17
CA LEU A 190 18.48 -13.56 -28.56
C LEU A 190 19.69 -12.72 -28.18
N ARG A 191 20.85 -13.34 -28.09
CA ARG A 191 22.04 -12.63 -27.61
C ARG A 191 22.35 -11.37 -28.44
N ALA A 192 22.38 -11.52 -29.75
CA ALA A 192 22.71 -10.40 -30.62
C ALA A 192 21.70 -9.24 -30.57
N PRO A 193 20.40 -9.53 -30.78
CA PRO A 193 19.47 -8.38 -30.73
C PRO A 193 19.40 -7.70 -29.35
N LEU A 194 19.49 -8.46 -28.27
CA LEU A 194 19.44 -7.83 -26.95
C LEU A 194 20.68 -6.94 -26.73
N GLU A 195 21.84 -7.47 -27.11
CA GLU A 195 23.08 -6.73 -26.99
C GLU A 195 23.02 -5.42 -27.77
N ALA A 196 22.45 -5.48 -28.98
CA ALA A 196 22.33 -4.28 -29.81
C ALA A 196 21.45 -3.20 -29.18
N ALA A 197 20.52 -3.63 -28.33
CA ALA A 197 19.59 -2.71 -27.69
C ALA A 197 20.11 -2.29 -26.32
N GLY A 198 21.27 -2.83 -25.93
CA GLY A 198 21.83 -2.51 -24.63
C GLY A 198 21.17 -3.30 -23.50
N HIS A 199 20.43 -4.34 -23.86
CA HIS A 199 19.68 -5.13 -22.87
C HIS A 199 20.45 -6.36 -22.46
N SER A 200 20.03 -6.98 -21.34
CA SER A 200 20.71 -8.16 -20.81
C SER A 200 19.83 -9.39 -20.96
N LEU A 201 20.44 -10.55 -20.74
CA LEU A 201 19.77 -11.84 -20.91
C LEU A 201 19.96 -12.67 -19.65
N GLY A 202 19.04 -13.58 -19.36
CA GLY A 202 19.26 -14.52 -18.28
C GLY A 202 18.65 -15.88 -18.60
N LEU A 203 19.17 -16.93 -17.97
CA LEU A 203 18.58 -18.28 -18.05
C LEU A 203 17.40 -18.39 -17.10
N CYS A 204 16.38 -19.16 -17.48
CA CYS A 204 15.20 -19.22 -16.62
C CYS A 204 14.40 -20.51 -16.75
N PHE A 205 14.14 -21.15 -15.62
CA PHE A 205 13.25 -22.31 -15.57
C PHE A 205 11.97 -21.83 -14.92
N HIS A 206 10.82 -22.16 -15.49
CA HIS A 206 9.58 -21.64 -14.89
C HIS A 206 9.45 -22.02 -13.42
N SER A 207 9.69 -23.28 -13.11
CA SER A 207 9.49 -23.85 -11.78
C SER A 207 9.87 -25.33 -11.83
N LEU A 208 9.95 -25.96 -10.66
CA LEU A 208 10.20 -27.39 -10.60
C LEU A 208 9.00 -28.23 -11.08
N ARG A 209 7.84 -27.61 -11.18
CA ARG A 209 6.65 -28.28 -11.72
C ARG A 209 6.73 -28.37 -13.24
N ALA A 210 7.37 -27.38 -13.85
CA ALA A 210 7.30 -27.18 -15.30
C ALA A 210 8.48 -27.75 -16.08
N VAL A 211 9.58 -28.03 -15.40
CA VAL A 211 10.74 -28.63 -16.06
C VAL A 211 11.24 -29.84 -15.26
N THR A 212 11.90 -30.77 -15.93
CA THR A 212 12.40 -31.97 -15.27
C THR A 212 13.83 -31.76 -14.77
N PRO A 213 14.28 -32.60 -13.81
CA PRO A 213 15.66 -32.51 -13.35
C PRO A 213 16.67 -32.68 -14.47
N GLN A 214 16.33 -33.54 -15.43
N GLN A 214 16.36 -33.55 -15.44
CA GLN A 214 17.15 -33.79 -16.60
CA GLN A 214 17.27 -33.71 -16.57
C GLN A 214 17.33 -32.52 -17.45
C GLN A 214 17.38 -32.44 -17.41
N GLN A 215 16.24 -31.79 -17.66
CA GLN A 215 16.26 -30.54 -18.42
C GLN A 215 17.10 -29.49 -17.73
N ILE A 216 16.98 -29.41 -16.41
CA ILE A 216 17.76 -28.43 -15.64
C ILE A 216 19.24 -28.74 -15.81
N ALA A 217 19.60 -30.01 -15.66
CA ALA A 217 20.98 -30.44 -15.80
C ALA A 217 21.51 -30.12 -17.20
N THR A 218 20.70 -30.41 -18.21
CA THR A 218 21.08 -30.15 -19.60
C THR A 218 21.33 -28.67 -19.85
N VAL A 219 20.38 -27.84 -19.44
CA VAL A 219 20.51 -26.40 -19.68
C VAL A 219 21.69 -25.80 -18.92
N LEU A 220 21.90 -26.21 -17.68
CA LEU A 220 23.01 -25.65 -16.90
C LEU A 220 24.38 -26.08 -17.44
N ALA A 221 24.41 -27.18 -18.19
CA ALA A 221 25.65 -27.66 -18.77
C ALA A 221 25.88 -27.16 -20.21
N ALA A 222 25.00 -26.29 -20.69
CA ALA A 222 25.01 -25.89 -22.10
C ALA A 222 25.92 -24.71 -22.43
N GLY A 223 26.63 -24.17 -21.44
CA GLY A 223 27.66 -23.18 -21.72
C GLY A 223 27.24 -21.72 -21.65
N HIS A 224 26.14 -21.46 -20.95
CA HIS A 224 25.70 -20.08 -20.76
C HIS A 224 26.02 -19.61 -19.35
N ASP A 225 27.24 -19.87 -18.91
CA ASP A 225 27.65 -19.62 -17.53
C ASP A 225 27.72 -18.13 -17.17
N ASP A 226 27.70 -17.27 -18.20
CA ASP A 226 27.76 -15.83 -17.98
C ASP A 226 26.42 -15.19 -17.59
N LEU A 227 25.36 -16.00 -17.55
CA LEU A 227 24.01 -15.49 -17.34
C LEU A 227 23.46 -15.75 -15.94
N PRO A 228 22.64 -14.81 -15.43
CA PRO A 228 21.83 -15.08 -14.24
C PRO A 228 20.93 -16.30 -14.50
N VAL A 229 20.45 -16.90 -13.41
CA VAL A 229 19.51 -18.02 -13.50
C VAL A 229 18.33 -17.75 -12.56
N HIS A 230 17.12 -17.71 -13.10
CA HIS A 230 15.92 -17.46 -12.28
C HIS A 230 14.98 -18.66 -12.29
N ILE A 231 14.20 -18.81 -11.23
CA ILE A 231 13.20 -19.87 -11.15
C ILE A 231 12.14 -19.48 -10.11
N HIS A 232 10.86 -19.75 -10.38
CA HIS A 232 9.82 -19.67 -9.35
C HIS A 232 10.03 -20.86 -8.43
N ILE A 233 10.02 -20.66 -7.12
CA ILE A 233 10.15 -21.82 -6.24
C ILE A 233 9.46 -21.66 -4.89
N ALA A 234 8.77 -22.72 -4.48
CA ALA A 234 8.15 -22.80 -3.17
C ALA A 234 7.09 -21.73 -2.89
N GLU A 235 6.43 -21.24 -3.93
CA GLU A 235 5.43 -20.20 -3.75
C GLU A 235 4.19 -20.69 -2.99
N GLN A 236 3.72 -21.88 -3.34
CA GLN A 236 2.46 -22.42 -2.85
C GLN A 236 2.69 -23.76 -2.14
N GLN A 237 1.90 -24.03 -1.10
CA GLN A 237 2.04 -25.27 -0.34
C GLN A 237 1.88 -26.52 -1.21
N LYS A 238 1.00 -26.46 -2.21
CA LYS A 238 0.80 -27.61 -3.08
C LYS A 238 2.08 -28.03 -3.80
N GLU A 239 2.89 -27.07 -4.20
CA GLU A 239 4.17 -27.38 -4.84
C GLU A 239 5.07 -28.14 -3.85
N VAL A 240 5.07 -27.69 -2.60
CA VAL A 240 5.87 -28.33 -1.57
C VAL A 240 5.44 -29.78 -1.37
N ASP A 241 4.13 -29.99 -1.30
CA ASP A 241 3.58 -31.32 -1.10
C ASP A 241 3.89 -32.26 -2.27
N ASP A 242 3.77 -31.74 -3.49
CA ASP A 242 4.00 -32.55 -4.68
C ASP A 242 5.48 -32.89 -4.85
N CYS A 243 6.36 -31.92 -4.59
CA CYS A 243 7.80 -32.17 -4.57
C CYS A 243 8.14 -33.32 -3.62
N GLN A 244 7.60 -33.25 -2.40
N GLN A 244 7.61 -33.25 -2.40
CA GLN A 244 7.82 -34.31 -1.41
CA GLN A 244 7.80 -34.29 -1.39
C GLN A 244 7.35 -35.67 -1.93
C GLN A 244 7.33 -35.66 -1.89
N ALA A 245 6.18 -35.69 -2.56
CA ALA A 245 5.62 -36.93 -3.08
C ALA A 245 6.52 -37.54 -4.16
N TRP A 246 7.12 -36.69 -4.98
CA TRP A 246 7.91 -37.14 -6.13
C TRP A 246 9.39 -37.32 -5.82
N SER A 247 9.89 -36.72 -4.74
CA SER A 247 11.33 -36.73 -4.48
C SER A 247 11.75 -37.01 -3.03
N GLY A 248 10.79 -36.98 -2.10
CA GLY A 248 11.13 -37.10 -0.69
C GLY A 248 11.83 -35.87 -0.11
N ARG A 249 11.74 -34.74 -0.80
CA ARG A 249 12.34 -33.47 -0.35
C ARG A 249 11.35 -32.33 -0.55
N ARG A 250 11.61 -31.20 0.13
CA ARG A 250 10.92 -29.94 -0.15
C ARG A 250 11.59 -29.27 -1.36
N PRO A 251 10.88 -28.32 -2.02
CA PRO A 251 11.40 -27.71 -3.24
C PRO A 251 12.78 -27.05 -3.13
N LEU A 252 12.96 -26.11 -2.21
CA LEU A 252 14.28 -25.51 -2.02
C LEU A 252 15.31 -26.55 -1.59
N GLN A 253 14.94 -27.41 -0.64
CA GLN A 253 15.81 -28.50 -0.23
C GLN A 253 16.27 -29.30 -1.46
N TRP A 254 15.33 -29.63 -2.33
CA TRP A 254 15.64 -30.43 -3.52
C TRP A 254 16.64 -29.71 -4.43
N LEU A 255 16.35 -28.45 -4.73
CA LEU A 255 17.18 -27.65 -5.61
C LEU A 255 18.61 -27.61 -5.09
N TYR A 256 18.77 -27.34 -3.79
CA TYR A 256 20.10 -27.24 -3.22
C TYR A 256 20.86 -28.56 -3.21
N GLU A 257 20.12 -29.65 -3.11
CA GLU A 257 20.73 -30.97 -3.11
C GLU A 257 21.15 -31.41 -4.52
N ASN A 258 20.47 -30.89 -5.54
CA ASN A 258 20.68 -31.40 -6.89
C ASN A 258 21.38 -30.44 -7.86
N VAL A 259 21.50 -29.19 -7.45
CA VAL A 259 22.00 -28.14 -8.32
C VAL A 259 22.98 -27.26 -7.53
N ALA A 260 24.01 -26.79 -8.20
CA ALA A 260 25.00 -25.93 -7.58
C ALA A 260 24.52 -24.48 -7.53
N VAL A 261 23.52 -24.24 -6.70
CA VAL A 261 22.93 -22.91 -6.56
C VAL A 261 23.97 -21.93 -6.01
N ASP A 262 24.10 -20.78 -6.65
CA ASP A 262 25.06 -19.78 -6.20
C ASP A 262 24.57 -18.37 -6.48
N GLN A 263 25.49 -17.42 -6.52
CA GLN A 263 25.15 -15.99 -6.64
C GLN A 263 24.50 -15.61 -7.97
N ARG A 264 24.61 -16.47 -8.97
CA ARG A 264 23.95 -16.26 -10.25
C ARG A 264 22.45 -16.38 -10.12
N TRP A 265 21.99 -17.04 -9.06
CA TRP A 265 20.58 -17.45 -8.96
C TRP A 265 19.65 -16.43 -8.32
N CYS A 266 18.45 -16.30 -8.89
CA CYS A 266 17.35 -15.62 -8.22
C CYS A 266 16.23 -16.62 -8.02
N LEU A 267 15.88 -16.83 -6.74
CA LEU A 267 14.87 -17.77 -6.34
C LEU A 267 13.60 -16.98 -6.05
N VAL A 268 12.67 -17.00 -7.00
CA VAL A 268 11.49 -16.14 -6.90
C VAL A 268 10.46 -16.73 -5.93
N HIS A 269 9.95 -15.87 -5.06
CA HIS A 269 9.05 -16.17 -3.94
C HIS A 269 9.78 -16.85 -2.79
N ALA A 270 10.18 -18.10 -2.99
CA ALA A 270 10.82 -18.92 -1.96
C ALA A 270 10.03 -18.88 -0.66
N THR A 271 8.71 -18.75 -0.78
CA THR A 271 7.87 -18.44 0.35
C THR A 271 7.90 -19.50 1.42
N HIS A 272 7.77 -20.76 0.99
CA HIS A 272 7.76 -21.88 1.93
C HIS A 272 9.16 -22.42 2.16
N ALA A 273 9.95 -21.65 2.89
CA ALA A 273 11.32 -21.99 3.20
C ALA A 273 11.41 -22.27 4.69
N ASP A 274 11.77 -23.50 5.05
CA ASP A 274 11.94 -23.86 6.45
C ASP A 274 13.30 -23.35 6.94
N PRO A 275 13.58 -23.42 8.25
CA PRO A 275 14.85 -22.83 8.72
C PRO A 275 16.12 -23.36 8.03
N ALA A 276 16.22 -24.66 7.77
CA ALA A 276 17.38 -25.19 7.06
C ALA A 276 17.47 -24.63 5.64
N GLU A 277 16.32 -24.47 5.00
CA GLU A 277 16.28 -23.94 3.64
C GLU A 277 16.68 -22.45 3.62
N VAL A 278 16.21 -21.72 4.63
CA VAL A 278 16.60 -20.31 4.77
C VAL A 278 18.11 -20.18 4.92
N ALA A 279 18.69 -21.03 5.78
CA ALA A 279 20.11 -21.01 6.04
C ALA A 279 20.91 -21.36 4.79
N ALA A 280 20.44 -22.37 4.04
CA ALA A 280 21.13 -22.77 2.81
C ALA A 280 21.10 -21.64 1.78
N MET A 281 19.96 -20.96 1.69
CA MET A 281 19.83 -19.83 0.77
C MET A 281 20.84 -18.74 1.11
N ALA A 282 20.85 -18.32 2.37
CA ALA A 282 21.78 -17.28 2.81
C ALA A 282 23.25 -17.64 2.55
N ARG A 283 23.62 -18.89 2.86
N ARG A 283 23.64 -18.89 2.83
CA ARG A 283 25.00 -19.37 2.64
CA ARG A 283 25.03 -19.29 2.64
C ARG A 283 25.40 -19.25 1.18
C ARG A 283 25.43 -19.33 1.17
N SER A 284 24.46 -19.53 0.29
CA SER A 284 24.76 -19.63 -1.14
C SER A 284 24.94 -18.28 -1.82
N GLY A 285 24.39 -17.23 -1.21
CA GLY A 285 24.45 -15.90 -1.80
C GLY A 285 23.43 -15.68 -2.91
N ALA A 286 22.51 -16.63 -3.10
CA ALA A 286 21.46 -16.48 -4.10
C ALA A 286 20.51 -15.38 -3.66
N VAL A 287 19.76 -14.80 -4.59
CA VAL A 287 18.87 -13.70 -4.23
C VAL A 287 17.42 -14.16 -4.11
N ALA A 288 16.80 -13.90 -2.96
CA ALA A 288 15.38 -14.15 -2.81
C ALA A 288 14.59 -13.07 -3.56
N GLY A 289 13.79 -13.50 -4.53
CA GLY A 289 12.97 -12.56 -5.29
C GLY A 289 11.59 -12.41 -4.66
N LEU A 290 11.45 -11.40 -3.81
CA LEU A 290 10.22 -11.26 -3.04
C LEU A 290 9.22 -10.36 -3.75
N CYS A 291 8.02 -10.87 -3.97
CA CYS A 291 7.01 -10.09 -4.68
C CYS A 291 5.83 -9.87 -3.74
N LEU A 292 5.96 -8.87 -2.88
CA LEU A 292 5.07 -8.76 -1.71
C LEU A 292 3.59 -8.53 -2.05
N SER A 293 3.30 -7.61 -2.95
CA SER A 293 1.92 -7.29 -3.28
C SER A 293 1.24 -8.50 -3.98
N THR A 294 1.96 -9.14 -4.89
CA THR A 294 1.41 -10.31 -5.57
C THR A 294 1.23 -11.50 -4.62
N GLU A 295 2.21 -11.73 -3.75
CA GLU A 295 2.14 -12.84 -2.80
C GLU A 295 0.96 -12.67 -1.84
N ALA A 296 0.69 -11.42 -1.44
CA ALA A 296 -0.49 -11.15 -0.62
C ALA A 296 -1.78 -11.34 -1.43
N ASN A 297 -1.80 -10.77 -2.64
CA ASN A 297 -2.95 -10.90 -3.52
C ASN A 297 -3.32 -12.37 -3.80
N LEU A 298 -2.29 -13.21 -4.00
CA LEU A 298 -2.52 -14.61 -4.33
C LEU A 298 -2.65 -15.51 -3.09
N GLY A 299 -2.53 -14.91 -1.91
CA GLY A 299 -2.58 -15.67 -0.67
C GLY A 299 -1.45 -16.69 -0.52
N ASP A 300 -0.24 -16.32 -0.92
CA ASP A 300 0.92 -17.22 -0.82
C ASP A 300 1.40 -17.40 0.61
N GLY A 301 1.45 -16.30 1.35
CA GLY A 301 1.99 -16.33 2.69
C GLY A 301 3.14 -15.36 2.87
N ILE A 302 3.74 -15.38 4.05
CA ILE A 302 4.77 -14.42 4.43
C ILE A 302 6.15 -15.10 4.51
N PHE A 303 7.11 -14.55 3.79
CA PHE A 303 8.48 -15.06 3.77
C PHE A 303 9.18 -14.80 5.11
N PRO A 304 10.03 -15.74 5.55
CA PRO A 304 10.79 -15.53 6.79
C PRO A 304 11.96 -14.55 6.58
N ALA A 305 11.62 -13.30 6.28
CA ALA A 305 12.63 -12.31 5.91
C ALA A 305 13.58 -11.94 7.04
N THR A 306 13.05 -11.85 8.26
CA THR A 306 13.90 -11.51 9.41
C THR A 306 14.98 -12.58 9.65
N ASP A 307 14.60 -13.86 9.61
CA ASP A 307 15.57 -14.94 9.79
C ASP A 307 16.59 -14.94 8.66
N PHE A 308 16.11 -14.73 7.44
CA PHE A 308 16.95 -14.73 6.25
C PHE A 308 17.97 -13.59 6.30
N LEU A 309 17.48 -12.39 6.60
CA LEU A 309 18.34 -11.20 6.65
C LEU A 309 19.40 -11.30 7.75
N ALA A 310 19.01 -11.86 8.89
CA ALA A 310 19.90 -12.03 10.03
C ALA A 310 21.11 -12.88 9.67
N GLN A 311 20.94 -13.78 8.71
CA GLN A 311 22.00 -14.70 8.31
C GLN A 311 22.71 -14.25 7.04
N GLY A 312 22.54 -12.98 6.68
CA GLY A 312 23.23 -12.43 5.53
C GLY A 312 22.54 -12.70 4.20
N GLY A 313 21.26 -13.06 4.25
CA GLY A 313 20.48 -13.28 3.05
C GLY A 313 20.40 -12.05 2.15
N ARG A 314 20.33 -12.30 0.85
CA ARG A 314 20.19 -11.25 -0.15
C ARG A 314 18.81 -11.32 -0.78
N LEU A 315 18.18 -10.16 -0.94
CA LEU A 315 16.82 -10.12 -1.48
C LEU A 315 16.62 -8.92 -2.40
N GLY A 316 15.58 -8.99 -3.22
CA GLY A 316 15.14 -7.83 -3.99
C GLY A 316 13.64 -7.94 -4.14
N ILE A 317 13.04 -6.96 -4.81
CA ILE A 317 11.58 -6.95 -4.95
C ILE A 317 11.15 -7.05 -6.41
N GLY A 318 10.01 -7.70 -6.64
CA GLY A 318 9.46 -7.78 -7.98
C GLY A 318 7.97 -7.51 -7.96
N SER A 319 7.44 -6.90 -9.03
CA SER A 319 6.02 -6.59 -9.09
C SER A 319 5.18 -7.73 -9.67
N ASP A 320 5.83 -8.67 -10.35
CA ASP A 320 5.25 -10.00 -10.69
C ASP A 320 3.94 -9.95 -11.53
N SER A 321 2.79 -10.08 -10.88
CA SER A 321 1.51 -10.01 -11.59
C SER A 321 1.07 -8.56 -11.82
N HIS A 322 1.80 -7.62 -11.21
CA HIS A 322 1.56 -6.19 -11.43
C HIS A 322 0.22 -5.67 -10.94
N VAL A 323 -0.32 -6.27 -9.87
CA VAL A 323 -1.46 -5.64 -9.21
C VAL A 323 -0.99 -4.33 -8.57
N SER A 324 0.29 -4.26 -8.18
CA SER A 324 0.87 -3.03 -7.66
C SER A 324 2.15 -2.69 -8.41
N LEU A 325 2.32 -1.41 -8.72
CA LEU A 325 3.57 -0.94 -9.30
C LEU A 325 4.06 0.19 -8.43
N SER A 326 4.75 -0.17 -7.35
CA SER A 326 5.09 0.78 -6.31
C SER A 326 6.25 0.22 -5.52
N VAL A 327 7.40 0.89 -5.61
CA VAL A 327 8.55 0.54 -4.79
C VAL A 327 8.17 0.73 -3.32
N VAL A 328 7.43 1.81 -3.06
CA VAL A 328 6.95 2.10 -1.70
C VAL A 328 6.13 0.93 -1.15
N GLU A 329 5.10 0.51 -1.87
CA GLU A 329 4.25 -0.57 -1.38
C GLU A 329 5.01 -1.87 -1.10
N GLU A 330 5.90 -2.27 -2.01
CA GLU A 330 6.61 -3.54 -1.81
C GLU A 330 7.47 -3.49 -0.56
N LEU A 331 8.25 -2.42 -0.39
CA LEU A 331 9.15 -2.35 0.75
C LEU A 331 8.39 -2.15 2.07
N ARG A 332 7.36 -1.32 2.02
CA ARG A 332 6.55 -1.05 3.21
C ARG A 332 5.92 -2.34 3.72
N TRP A 333 5.32 -3.09 2.80
CA TRP A 333 4.56 -4.28 3.19
C TRP A 333 5.44 -5.53 3.35
N LEU A 334 6.65 -5.47 2.81
CA LEU A 334 7.67 -6.46 3.20
C LEU A 334 7.87 -6.36 4.72
N GLU A 335 8.21 -5.16 5.19
CA GLU A 335 8.32 -4.90 6.63
C GLU A 335 7.01 -5.13 7.40
N TYR A 336 5.90 -4.57 6.92
CA TYR A 336 4.63 -4.71 7.65
C TYR A 336 4.18 -6.18 7.80
N GLY A 337 4.44 -7.00 6.79
CA GLY A 337 4.11 -8.42 6.91
C GLY A 337 4.87 -9.09 8.05
N GLN A 338 6.14 -8.75 8.19
CA GLN A 338 6.93 -9.26 9.31
C GLN A 338 6.38 -8.73 10.64
N ARG A 339 5.93 -7.47 10.66
CA ARG A 339 5.32 -6.92 11.87
C ARG A 339 4.04 -7.61 12.23
N LEU A 340 3.23 -7.94 11.23
CA LEU A 340 1.94 -8.59 11.51
C LEU A 340 2.14 -10.01 12.02
N ARG A 341 3.12 -10.71 11.45
CA ARG A 341 3.42 -12.07 11.89
C ARG A 341 3.95 -12.06 13.32
N ASP A 342 4.95 -11.22 13.57
CA ASP A 342 5.64 -11.20 14.87
C ASP A 342 4.87 -10.42 15.93
N ARG A 343 3.93 -9.60 15.49
CA ARG A 343 3.24 -8.68 16.39
C ARG A 343 4.25 -7.81 17.16
N LYS A 344 5.22 -7.29 16.41
CA LYS A 344 6.25 -6.40 16.93
C LYS A 344 6.61 -5.38 15.84
N ARG A 345 7.33 -4.33 16.20
CA ARG A 345 7.72 -3.31 15.24
C ARG A 345 9.20 -3.45 14.86
N ASN A 346 9.61 -2.70 13.85
CA ASN A 346 11.01 -2.56 13.48
C ASN A 346 11.74 -3.90 13.32
N ARG A 347 11.31 -4.66 12.33
CA ARG A 347 11.73 -6.04 12.16
C ARG A 347 12.99 -6.18 11.30
N LEU A 348 12.99 -5.50 10.16
CA LEU A 348 14.09 -5.61 9.20
C LEU A 348 15.11 -4.47 9.34
N TYR A 349 16.16 -4.74 10.12
CA TYR A 349 17.26 -3.80 10.28
C TYR A 349 18.57 -4.58 10.29
N ARG A 350 19.71 -3.88 10.20
CA ARG A 350 21.00 -4.55 10.28
C ARG A 350 21.68 -4.21 11.60
N ASP A 351 22.67 -5.01 11.98
CA ASP A 351 23.47 -4.71 13.17
C ASP A 351 24.13 -3.35 13.08
N ASP A 352 24.41 -2.89 11.86
CA ASP A 352 25.06 -1.60 11.67
C ASP A 352 24.12 -0.55 11.09
N GLN A 353 22.82 -0.85 11.08
CA GLN A 353 21.85 0.07 10.50
C GLN A 353 20.47 -0.12 11.10
N PRO A 354 20.16 0.66 12.17
CA PRO A 354 18.86 0.57 12.85
C PRO A 354 17.70 1.18 12.06
N MET A 355 18.00 2.00 11.05
CA MET A 355 16.95 2.61 10.23
C MET A 355 16.29 1.59 9.31
N ILE A 356 14.98 1.40 9.48
CA ILE A 356 14.28 0.37 8.72
C ILE A 356 14.23 0.69 7.22
N GLY A 357 13.86 1.91 6.87
CA GLY A 357 13.72 2.30 5.48
C GLY A 357 15.04 2.12 4.73
N ARG A 358 16.12 2.58 5.33
CA ARG A 358 17.45 2.44 4.72
C ARG A 358 17.87 0.98 4.60
N THR A 359 17.56 0.18 5.61
CA THR A 359 17.86 -1.25 5.53
C THR A 359 17.17 -1.88 4.33
N LEU A 360 15.90 -1.58 4.17
CA LEU A 360 15.10 -2.15 3.11
C LEU A 360 15.58 -1.69 1.74
N TYR A 361 15.85 -0.39 1.63
CA TYR A 361 16.29 0.15 0.35
C TYR A 361 17.67 -0.41 -0.02
N ASP A 362 18.62 -0.42 0.92
CA ASP A 362 19.95 -0.97 0.65
C ASP A 362 19.84 -2.42 0.19
N ALA A 363 19.00 -3.19 0.87
CA ALA A 363 18.90 -4.63 0.60
C ALA A 363 18.38 -4.87 -0.83
N ALA A 364 17.26 -4.23 -1.14
CA ALA A 364 16.61 -4.45 -2.44
C ALA A 364 17.38 -3.90 -3.61
N LEU A 365 18.13 -2.81 -3.38
CA LEU A 365 19.05 -2.31 -4.41
C LEU A 365 20.08 -3.37 -4.77
N ALA A 366 20.72 -3.94 -3.75
CA ALA A 366 21.83 -4.86 -3.98
C ALA A 366 21.34 -6.16 -4.61
N GLY A 367 20.27 -6.71 -4.05
CA GLY A 367 19.71 -7.96 -4.54
C GLY A 367 19.13 -7.81 -5.94
N GLY A 368 18.41 -6.71 -6.16
CA GLY A 368 17.89 -6.40 -7.48
C GLY A 368 18.98 -6.30 -8.54
N ALA A 369 20.09 -5.62 -8.23
CA ALA A 369 21.18 -5.48 -9.19
C ALA A 369 21.80 -6.84 -9.48
N GLN A 370 21.97 -7.63 -8.43
CA GLN A 370 22.58 -8.95 -8.58
C GLN A 370 21.70 -9.85 -9.44
N ALA A 371 20.41 -9.89 -9.12
CA ALA A 371 19.48 -10.75 -9.86
C ALA A 371 19.36 -10.38 -11.34
N LEU A 372 19.43 -9.10 -11.67
CA LEU A 372 19.34 -8.68 -13.08
C LEU A 372 20.66 -8.90 -13.85
N GLY A 373 21.76 -9.00 -13.14
CA GLY A 373 23.05 -9.13 -13.80
C GLY A 373 23.44 -7.85 -14.52
N GLN A 374 23.04 -6.70 -13.96
CA GLN A 374 23.36 -5.41 -14.57
C GLN A 374 24.20 -4.54 -13.62
N PRO A 375 24.97 -3.59 -14.20
CA PRO A 375 25.81 -2.73 -13.36
C PRO A 375 25.03 -1.57 -12.76
N ILE A 376 24.10 -1.91 -11.86
CA ILE A 376 23.19 -0.92 -11.29
C ILE A 376 23.14 -1.08 -9.75
N GLY A 377 22.14 -0.48 -9.12
CA GLY A 377 21.95 -0.67 -7.69
C GLY A 377 22.74 0.26 -6.78
N SER A 378 23.59 1.12 -7.35
CA SER A 378 24.30 2.10 -6.55
C SER A 378 24.93 3.21 -7.37
N LEU A 379 25.03 4.39 -6.77
CA LEU A 379 25.65 5.53 -7.44
C LEU A 379 27.15 5.54 -7.22
N ALA A 380 27.84 4.70 -7.97
CA ALA A 380 29.29 4.56 -7.91
C ALA A 380 29.86 4.72 -9.31
N VAL A 381 31.06 5.27 -9.38
CA VAL A 381 31.77 5.39 -10.64
C VAL A 381 31.88 4.00 -11.29
N GLY A 382 31.58 3.92 -12.58
CA GLY A 382 31.60 2.64 -13.27
C GLY A 382 30.30 1.86 -13.16
N ARG A 383 29.28 2.45 -12.53
CA ARG A 383 27.93 1.88 -12.57
C ARG A 383 27.06 2.75 -13.47
N ARG A 384 25.93 2.21 -13.93
CA ARG A 384 25.08 2.95 -14.87
C ARG A 384 24.32 4.07 -14.15
N ALA A 385 24.14 5.20 -14.83
CA ALA A 385 23.41 6.34 -14.28
C ALA A 385 21.89 6.10 -14.27
N ASP A 386 21.43 5.29 -13.31
CA ASP A 386 20.01 4.99 -13.08
C ASP A 386 19.62 5.60 -11.73
N LEU A 387 18.74 6.60 -11.72
CA LEU A 387 18.47 7.28 -10.47
C LEU A 387 17.08 7.90 -10.41
N LEU A 388 16.61 8.18 -9.20
N LEU A 388 16.64 8.20 -9.19
CA LEU A 388 15.35 8.89 -9.07
CA LEU A 388 15.39 8.89 -8.96
C LEU A 388 15.57 10.16 -8.24
C LEU A 388 15.68 10.24 -8.32
N VAL A 389 14.76 11.19 -8.52
CA VAL A 389 14.86 12.44 -7.80
C VAL A 389 13.51 12.61 -7.11
N LEU A 390 13.54 12.68 -5.79
CA LEU A 390 12.30 12.85 -5.03
C LEU A 390 11.87 14.31 -5.05
N ASP A 391 10.69 14.58 -4.50
CA ASP A 391 10.13 15.93 -4.51
C ASP A 391 10.77 16.82 -3.44
N GLY A 392 11.63 17.74 -3.88
CA GLY A 392 12.26 18.66 -2.96
C GLY A 392 11.30 19.67 -2.36
N ASN A 393 10.11 19.79 -2.94
CA ASN A 393 9.11 20.75 -2.45
C ASN A 393 8.15 20.10 -1.46
N ASP A 394 8.27 18.78 -1.31
CA ASP A 394 7.40 18.05 -0.38
C ASP A 394 7.77 18.39 1.07
N PRO A 395 6.78 18.79 1.88
CA PRO A 395 7.13 19.29 3.22
C PRO A 395 7.72 18.22 4.14
N TYR A 396 7.30 16.97 3.96
CA TYR A 396 7.85 15.88 4.75
C TYR A 396 9.33 15.65 4.41
N LEU A 397 9.62 15.59 3.11
CA LEU A 397 10.97 15.29 2.66
C LEU A 397 11.90 16.48 2.89
N ALA A 398 11.38 17.68 2.70
CA ALA A 398 12.18 18.88 2.86
C ALA A 398 12.60 19.12 4.31
N SER A 399 11.81 18.58 5.25
N SER A 399 11.80 18.59 5.25
CA SER A 399 12.07 18.79 6.67
CA SER A 399 12.06 18.78 6.66
C SER A 399 12.91 17.66 7.24
C SER A 399 12.97 17.69 7.22
N ALA A 400 13.18 16.65 6.42
CA ALA A 400 13.94 15.48 6.87
C ALA A 400 15.34 15.45 6.28
N GLU A 401 16.24 14.75 6.95
CA GLU A 401 17.60 14.62 6.48
C GLU A 401 17.98 13.15 6.47
N GLY A 402 18.86 12.76 5.56
CA GLY A 402 19.44 11.42 5.56
C GLY A 402 18.43 10.29 5.59
N ASP A 403 18.67 9.33 6.47
CA ASP A 403 17.83 8.14 6.50
C ASP A 403 16.41 8.43 6.97
N ALA A 404 16.21 9.53 7.71
CA ALA A 404 14.84 9.88 8.13
C ALA A 404 14.01 10.20 6.89
N LEU A 405 14.65 10.78 5.88
CA LEU A 405 13.97 11.07 4.63
C LEU A 405 13.45 9.78 3.98
N LEU A 406 14.27 8.73 4.01
CA LEU A 406 13.85 7.43 3.50
C LEU A 406 12.68 6.87 4.29
N ASN A 407 12.68 7.09 5.60
CA ASN A 407 11.56 6.62 6.42
C ASN A 407 10.27 7.38 6.09
N ARG A 408 10.37 8.69 5.90
CA ARG A 408 9.19 9.49 5.54
C ARG A 408 8.60 9.01 4.22
N TRP A 409 9.47 8.76 3.24
CA TRP A 409 9.01 8.34 1.93
C TRP A 409 8.40 6.95 2.03
N LEU A 410 9.18 5.99 2.52
CA LEU A 410 8.77 4.59 2.45
C LEU A 410 7.63 4.24 3.39
N PHE A 411 7.55 4.91 4.54
CA PHE A 411 6.51 4.56 5.53
C PHE A 411 5.41 5.59 5.72
N ALA A 412 5.63 6.84 5.29
CA ALA A 412 4.58 7.86 5.44
C ALA A 412 4.17 8.54 4.13
N GLY A 413 4.88 8.22 3.04
CA GLY A 413 4.66 8.90 1.78
C GLY A 413 4.13 7.96 0.70
N GLY A 414 4.57 8.19 -0.55
CA GLY A 414 4.01 7.43 -1.65
C GLY A 414 4.69 7.61 -2.98
N ASP A 415 4.13 7.01 -4.03
CA ASP A 415 4.72 7.01 -5.36
C ASP A 415 4.91 8.40 -5.95
N ARG A 416 3.96 9.29 -5.70
CA ARG A 416 4.01 10.60 -6.36
C ARG A 416 5.08 11.52 -5.77
N GLN A 417 5.74 11.06 -4.72
CA GLN A 417 6.95 11.76 -4.25
C GLN A 417 8.14 11.53 -5.18
N VAL A 418 8.05 10.54 -6.05
CA VAL A 418 9.06 10.36 -7.10
C VAL A 418 8.73 11.33 -8.24
N ARG A 419 9.65 12.23 -8.57
CA ARG A 419 9.37 13.31 -9.52
C ARG A 419 10.07 13.13 -10.86
N ASP A 420 11.37 12.90 -10.81
CA ASP A 420 12.17 12.72 -12.02
C ASP A 420 12.91 11.39 -11.95
N VAL A 421 13.09 10.77 -13.11
CA VAL A 421 13.74 9.47 -13.21
C VAL A 421 14.69 9.44 -14.40
N MET A 422 15.89 8.93 -14.16
CA MET A 422 16.92 8.82 -15.19
C MET A 422 17.36 7.37 -15.30
N VAL A 423 17.47 6.88 -16.53
CA VAL A 423 17.96 5.53 -16.78
C VAL A 423 18.99 5.59 -17.89
N ALA A 424 20.16 5.00 -17.66
CA ALA A 424 21.25 5.04 -18.62
C ALA A 424 21.63 6.48 -19.00
N GLY A 425 21.57 7.37 -18.01
CA GLY A 425 21.92 8.77 -18.23
C GLY A 425 20.94 9.52 -19.09
N ARG A 426 19.75 8.97 -19.26
CA ARG A 426 18.69 9.63 -20.03
C ARG A 426 17.50 9.96 -19.12
N TRP A 427 17.00 11.19 -19.21
CA TRP A 427 15.79 11.56 -18.46
C TRP A 427 14.56 10.93 -19.07
N VAL A 428 13.90 10.05 -18.32
CA VAL A 428 12.76 9.31 -18.85
C VAL A 428 11.44 9.65 -18.13
N VAL A 429 11.53 10.27 -16.96
CA VAL A 429 10.36 10.82 -16.29
C VAL A 429 10.75 12.21 -15.80
N ARG A 430 9.89 13.19 -16.08
CA ARG A 430 10.09 14.55 -15.63
C ARG A 430 8.79 15.05 -15.00
N ASP A 431 8.87 15.55 -13.77
CA ASP A 431 7.69 16.06 -13.07
C ASP A 431 6.56 15.03 -13.12
N GLY A 432 6.92 13.77 -12.86
CA GLY A 432 5.94 12.69 -12.79
C GLY A 432 5.37 12.24 -14.12
N ARG A 433 5.87 12.78 -15.22
CA ARG A 433 5.31 12.47 -16.54
C ARG A 433 6.34 11.86 -17.50
N HIS A 434 5.84 10.98 -18.39
CA HIS A 434 6.68 10.27 -19.37
C HIS A 434 6.27 10.77 -20.75
N ALA A 435 7.25 11.05 -21.60
CA ALA A 435 6.98 11.67 -22.91
C ALA A 435 6.03 10.84 -23.80
N GLY A 436 5.98 9.54 -23.56
CA GLY A 436 5.15 8.66 -24.36
C GLY A 436 3.85 8.25 -23.72
N GLU A 437 3.50 8.87 -22.59
CA GLU A 437 2.36 8.39 -21.80
C GLU A 437 1.01 8.54 -22.53
N GLU A 438 0.83 9.63 -23.26
CA GLU A 438 -0.45 9.84 -23.95
C GLU A 438 -0.67 8.83 -25.08
N ARG A 439 0.35 8.63 -25.90
CA ARG A 439 0.24 7.69 -27.00
C ARG A 439 0.00 6.29 -26.43
N SER A 440 0.76 5.96 -25.39
CA SER A 440 0.68 4.64 -24.77
C SER A 440 -0.69 4.38 -24.16
N ALA A 441 -1.22 5.36 -23.41
CA ALA A 441 -2.54 5.23 -22.79
C ALA A 441 -3.62 4.98 -23.84
N ARG A 442 -3.54 5.67 -24.96
CA ARG A 442 -4.52 5.52 -26.04
C ARG A 442 -4.46 4.12 -26.65
N ALA A 443 -3.25 3.64 -26.90
CA ALA A 443 -3.09 2.29 -27.45
C ALA A 443 -3.57 1.26 -26.45
N PHE A 444 -3.22 1.48 -25.18
CA PHE A 444 -3.50 0.54 -24.11
C PHE A 444 -4.99 0.40 -23.82
N VAL A 445 -5.71 1.52 -23.80
CA VAL A 445 -7.15 1.45 -23.54
C VAL A 445 -7.87 0.67 -24.65
N GLN A 446 -7.36 0.79 -25.88
CA GLN A 446 -7.91 0.06 -27.02
C GLN A 446 -7.69 -1.44 -26.84
N VAL A 447 -6.50 -1.82 -26.41
CA VAL A 447 -6.18 -3.22 -26.15
C VAL A 447 -7.03 -3.80 -25.02
N LEU A 448 -7.24 -3.03 -23.96
CA LEU A 448 -8.08 -3.48 -22.86
C LEU A 448 -9.50 -3.79 -23.34
N GLY A 449 -10.00 -2.96 -24.25
CA GLY A 449 -11.29 -3.19 -24.87
C GLY A 449 -11.32 -4.48 -25.68
N GLU A 450 -10.26 -4.74 -26.42
CA GLU A 450 -10.17 -5.94 -27.25
C GLU A 450 -10.17 -7.20 -26.40
N LEU A 451 -9.61 -7.10 -25.19
CA LEU A 451 -9.46 -8.26 -24.32
C LEU A 451 -10.72 -8.67 -23.57
N LEU A 452 -11.78 -7.86 -23.65
CA LEU A 452 -13.06 -8.24 -23.08
C LEU A 452 -13.92 -8.98 -24.10
N SER B 2 -27.48 23.88 -6.88
CA SER B 2 -26.63 23.62 -8.03
C SER B 2 -26.83 22.20 -8.53
N ALA B 3 -26.31 21.91 -9.72
CA ALA B 3 -26.51 20.59 -10.31
C ALA B 3 -25.23 20.01 -10.93
N ILE B 4 -25.05 18.70 -10.76
CA ILE B 4 -23.93 17.99 -11.39
C ILE B 4 -24.45 16.74 -12.11
N PHE B 5 -23.67 16.25 -13.06
CA PHE B 5 -24.11 15.14 -13.91
C PHE B 5 -22.99 14.13 -14.06
N ALA B 6 -23.29 12.88 -13.68
CA ALA B 6 -22.32 11.81 -13.75
C ALA B 6 -22.77 10.74 -14.74
N GLU B 7 -21.91 10.42 -15.71
CA GLU B 7 -22.21 9.36 -16.64
C GLU B 7 -22.32 8.02 -15.91
N ARG B 8 -21.50 7.84 -14.89
CA ARG B 8 -21.53 6.65 -14.04
C ARG B 8 -21.53 7.08 -12.57
N ALA B 9 -22.41 6.52 -11.76
CA ALA B 9 -22.43 6.81 -10.33
C ALA B 9 -22.92 5.62 -9.50
N LEU B 10 -22.33 5.44 -8.32
CA LEU B 10 -22.73 4.38 -7.41
C LEU B 10 -23.81 4.84 -6.45
N LEU B 11 -25.05 4.48 -6.77
CA LEU B 11 -26.21 4.84 -5.95
C LEU B 11 -26.54 3.70 -4.98
N PRO B 12 -27.39 3.96 -3.97
CA PRO B 12 -27.72 2.92 -2.97
C PRO B 12 -28.19 1.59 -3.58
N GLU B 13 -28.87 1.64 -4.71
CA GLU B 13 -29.40 0.44 -5.35
C GLU B 13 -28.39 -0.21 -6.30
N GLY B 14 -27.22 0.41 -6.44
CA GLY B 14 -26.19 -0.09 -7.35
C GLY B 14 -25.75 0.95 -8.36
N TRP B 15 -24.88 0.56 -9.29
CA TRP B 15 -24.41 1.46 -10.33
C TRP B 15 -25.53 1.97 -11.23
N ALA B 16 -25.46 3.25 -11.56
CA ALA B 16 -26.45 3.86 -12.45
C ALA B 16 -25.75 4.70 -13.52
N ARG B 17 -26.49 5.04 -14.58
CA ARG B 17 -25.96 5.80 -15.70
C ARG B 17 -26.64 7.16 -15.84
N ASN B 18 -25.88 8.16 -16.26
CA ASN B 18 -26.41 9.49 -16.58
C ASN B 18 -27.26 10.10 -15.46
N VAL B 19 -26.66 10.19 -14.29
CA VAL B 19 -27.37 10.62 -13.10
C VAL B 19 -27.22 12.13 -12.89
N ARG B 20 -28.36 12.81 -12.80
CA ARG B 20 -28.37 14.23 -12.50
C ARG B 20 -28.65 14.45 -11.02
N PHE B 21 -27.73 15.13 -10.35
CA PHE B 21 -27.88 15.43 -8.92
C PHE B 21 -28.21 16.90 -8.76
N GLU B 22 -29.24 17.20 -7.97
CA GLU B 22 -29.50 18.58 -7.57
C GLU B 22 -29.12 18.75 -6.11
N ILE B 23 -28.28 19.74 -5.83
CA ILE B 23 -27.79 19.97 -4.48
C ILE B 23 -28.30 21.29 -3.94
N SER B 24 -28.94 21.26 -2.78
CA SER B 24 -29.54 22.46 -2.23
C SER B 24 -28.47 23.37 -1.63
N ALA B 25 -28.88 24.57 -1.22
CA ALA B 25 -27.94 25.56 -0.74
C ALA B 25 -27.19 25.11 0.52
N ASP B 26 -27.78 24.17 1.24
CA ASP B 26 -27.19 23.70 2.49
C ASP B 26 -26.29 22.46 2.29
N GLY B 27 -26.09 22.07 1.04
CA GLY B 27 -25.19 20.97 0.73
C GLY B 27 -25.84 19.60 0.84
N VAL B 28 -27.15 19.57 0.88
CA VAL B 28 -27.89 18.32 0.96
C VAL B 28 -28.36 17.88 -0.43
N LEU B 29 -28.31 16.59 -0.71
CA LEU B 29 -28.82 16.04 -1.96
C LEU B 29 -30.33 16.21 -2.02
N ALA B 30 -30.79 17.02 -2.98
CA ALA B 30 -32.20 17.36 -3.07
C ALA B 30 -32.93 16.51 -4.12
N GLU B 31 -32.22 16.16 -5.17
CA GLU B 31 -32.83 15.38 -6.25
C GLU B 31 -31.76 14.54 -6.93
N ILE B 32 -32.10 13.28 -7.18
CA ILE B 32 -31.19 12.35 -7.84
C ILE B 32 -32.01 11.53 -8.83
N ARG B 33 -31.71 11.67 -10.12
CA ARG B 33 -32.39 10.85 -11.12
C ARG B 33 -31.46 10.38 -12.22
N PRO B 34 -31.40 9.05 -12.41
CA PRO B 34 -30.57 8.38 -13.42
C PRO B 34 -31.20 8.55 -14.79
N ASP B 35 -30.46 8.15 -15.83
CA ASP B 35 -30.98 8.15 -17.19
C ASP B 35 -31.53 9.51 -17.57
N ALA B 36 -30.87 10.56 -17.06
CA ALA B 36 -31.33 11.92 -17.25
C ALA B 36 -30.47 12.64 -18.26
N ASN B 37 -30.84 13.89 -18.55
CA ASN B 37 -30.05 14.72 -19.43
C ASN B 37 -29.24 15.69 -18.58
N ALA B 38 -28.16 16.20 -19.14
CA ALA B 38 -27.30 17.13 -18.41
C ALA B 38 -28.06 18.39 -18.03
N ASP B 39 -28.73 19.01 -19.02
CA ASP B 39 -29.54 20.20 -18.78
C ASP B 39 -28.81 21.29 -18.00
N GLY B 40 -27.61 21.64 -18.44
CA GLY B 40 -26.86 22.69 -17.78
C GLY B 40 -26.16 22.29 -16.49
N ALA B 41 -26.36 21.06 -16.05
CA ALA B 41 -25.62 20.56 -14.88
C ALA B 41 -24.17 20.36 -15.27
N GLU B 42 -23.27 20.50 -14.31
CA GLU B 42 -21.85 20.35 -14.60
C GLU B 42 -21.49 18.90 -14.86
N ARG B 43 -20.95 18.63 -16.04
CA ARG B 43 -20.59 17.27 -16.42
C ARG B 43 -19.31 16.82 -15.72
N LEU B 44 -19.40 15.78 -14.90
CA LEU B 44 -18.26 15.31 -14.12
C LEU B 44 -17.31 14.44 -14.94
N GLY B 45 -16.06 14.35 -14.50
CA GLY B 45 -15.01 13.78 -15.30
C GLY B 45 -14.69 12.31 -15.12
N GLY B 46 -15.58 11.57 -14.45
CA GLY B 46 -15.34 10.15 -14.25
C GLY B 46 -16.38 9.53 -13.33
N ALA B 47 -16.12 8.30 -12.89
CA ALA B 47 -17.07 7.57 -12.05
C ALA B 47 -17.21 8.22 -10.68
N VAL B 48 -18.45 8.40 -10.26
CA VAL B 48 -18.75 9.04 -8.99
C VAL B 48 -19.11 8.03 -7.91
N LEU B 49 -18.47 8.16 -6.74
CA LEU B 49 -18.75 7.31 -5.58
C LEU B 49 -19.09 8.18 -4.38
N PRO B 50 -19.86 7.62 -3.42
CA PRO B 50 -19.99 8.31 -2.13
C PRO B 50 -18.59 8.48 -1.53
N GLY B 51 -18.33 9.59 -0.87
CA GLY B 51 -17.03 9.80 -0.24
C GLY B 51 -16.87 8.86 0.94
N MET B 52 -15.62 8.51 1.27
CA MET B 52 -15.36 7.55 2.33
C MET B 52 -15.16 8.22 3.70
N PRO B 53 -15.98 7.85 4.69
CA PRO B 53 -15.72 8.37 6.03
C PRO B 53 -14.47 7.74 6.63
N ASN B 54 -13.66 8.55 7.32
CA ASN B 54 -12.49 8.09 8.07
C ASN B 54 -12.89 8.04 9.54
N LEU B 55 -13.12 6.86 10.11
CA LEU B 55 -13.77 6.80 11.43
C LEU B 55 -12.83 6.86 12.64
N HIS B 56 -11.53 7.09 12.41
CA HIS B 56 -10.60 7.17 13.53
C HIS B 56 -9.33 7.93 13.19
N SER B 57 -9.11 9.05 13.88
CA SER B 57 -7.95 9.92 13.65
C SER B 57 -7.35 10.52 14.92
N HIS B 58 -6.01 10.56 15.02
CA HIS B 58 -5.35 11.42 16.00
C HIS B 58 -4.47 12.38 15.21
N ALA B 59 -5.00 13.56 14.91
CA ALA B 59 -4.38 14.43 13.91
C ALA B 59 -2.88 14.67 14.10
N PHE B 60 -2.47 14.98 15.33
CA PHE B 60 -1.09 15.40 15.59
C PHE B 60 -0.10 14.31 15.18
N GLN B 61 -0.53 13.05 15.20
CA GLN B 61 0.41 11.96 14.89
C GLN B 61 0.98 11.99 13.46
N ARG B 62 0.29 12.67 12.56
CA ARG B 62 0.81 12.79 11.19
C ARG B 62 2.18 13.48 11.18
N ALA B 63 2.44 14.36 12.14
CA ALA B 63 3.72 15.04 12.22
C ALA B 63 4.90 14.09 12.48
N MET B 64 4.64 12.97 13.13
CA MET B 64 5.72 12.00 13.39
C MET B 64 5.65 10.77 12.48
N ALA B 65 4.73 10.76 11.53
CA ALA B 65 4.49 9.56 10.71
C ALA B 65 5.73 9.14 9.94
N GLY B 66 6.11 7.88 10.10
CA GLY B 66 7.30 7.35 9.46
C GLY B 66 8.57 7.58 10.25
N LEU B 67 8.57 8.52 11.19
CA LEU B 67 9.79 8.81 11.92
C LEU B 67 10.12 7.76 13.01
N ALA B 68 9.14 6.97 13.42
CA ALA B 68 9.36 5.95 14.45
C ALA B 68 9.81 4.60 13.88
N GLU B 69 10.42 4.60 12.70
CA GLU B 69 10.87 3.36 12.07
C GLU B 69 12.38 3.17 12.24
N VAL B 70 12.80 3.18 13.50
CA VAL B 70 14.20 3.01 13.85
C VAL B 70 14.28 1.99 14.96
N ALA B 71 15.04 0.92 14.75
CA ALA B 71 15.19 -0.13 15.76
C ALA B 71 16.01 0.40 16.94
N GLY B 72 15.41 0.41 18.12
CA GLY B 72 16.13 0.82 19.32
C GLY B 72 16.46 -0.43 20.12
N ASN B 73 15.53 -1.37 20.08
CA ASN B 73 15.59 -2.63 20.81
C ASN B 73 15.50 -3.77 19.79
N PRO B 74 16.01 -4.96 20.14
CA PRO B 74 15.81 -6.12 19.25
C PRO B 74 14.34 -6.54 19.12
N ASN B 75 13.52 -6.16 20.09
CA ASN B 75 12.08 -6.42 20.02
C ASN B 75 11.28 -5.14 20.29
N ASP B 76 11.38 -4.18 19.37
CA ASP B 76 10.66 -2.92 19.52
C ASP B 76 9.17 -3.17 19.59
N SER B 77 8.49 -2.41 20.45
CA SER B 77 7.10 -2.69 20.68
C SER B 77 6.23 -1.47 20.53
N PHE B 78 4.94 -1.73 20.49
CA PHE B 78 3.89 -0.75 20.60
C PHE B 78 4.21 0.25 21.71
N TRP B 79 4.72 -0.26 22.83
CA TRP B 79 4.92 0.57 24.01
C TRP B 79 6.11 1.52 23.89
N THR B 80 7.16 1.08 23.19
CA THR B 80 8.27 1.98 22.93
C THR B 80 7.91 3.02 21.87
N TRP B 81 7.08 2.62 20.89
CA TRP B 81 6.49 3.58 19.96
C TRP B 81 5.69 4.63 20.74
N ARG B 82 4.86 4.15 21.66
CA ARG B 82 3.96 5.05 22.37
C ARG B 82 4.75 6.10 23.15
N GLU B 83 5.88 5.70 23.73
CA GLU B 83 6.71 6.65 24.46
C GLU B 83 7.23 7.76 23.53
N LEU B 84 7.63 7.38 22.32
CA LEU B 84 8.07 8.36 21.32
C LEU B 84 6.92 9.32 20.96
N MET B 85 5.72 8.77 20.85
CA MET B 85 4.54 9.55 20.54
C MET B 85 4.27 10.55 21.68
N TYR B 86 4.41 10.09 22.92
CA TYR B 86 4.26 10.97 24.09
C TYR B 86 5.26 12.14 24.03
N ARG B 87 6.49 11.84 23.64
CA ARG B 87 7.51 12.88 23.56
C ARG B 87 7.16 13.96 22.54
N MET B 88 6.54 13.54 21.44
CA MET B 88 6.09 14.46 20.40
C MET B 88 4.97 15.35 20.91
N VAL B 89 3.98 14.72 21.53
CA VAL B 89 2.80 15.45 21.98
C VAL B 89 3.13 16.49 23.05
N ALA B 90 4.19 16.25 23.81
CA ALA B 90 4.63 17.17 24.85
C ALA B 90 5.11 18.52 24.32
N ARG B 91 5.33 18.63 23.01
CA ARG B 91 5.93 19.84 22.46
C ARG B 91 4.94 20.74 21.72
N LEU B 92 3.73 20.25 21.51
CA LEU B 92 2.80 20.88 20.58
C LEU B 92 2.04 22.09 21.13
N SER B 93 2.14 23.21 20.43
CA SER B 93 1.35 24.39 20.76
C SER B 93 -0.04 24.29 20.10
N PRO B 94 -1.00 25.10 20.58
CA PRO B 94 -2.31 25.16 19.92
C PRO B 94 -2.19 25.49 18.42
N GLU B 95 -1.30 26.43 18.11
N GLU B 95 -1.32 26.44 18.08
CA GLU B 95 -1.06 26.84 16.73
CA GLU B 95 -1.14 26.78 16.67
C GLU B 95 -0.54 25.67 15.88
C GLU B 95 -0.57 25.61 15.88
N GLN B 96 0.42 24.93 16.44
CA GLN B 96 1.02 23.78 15.75
C GLN B 96 -0.03 22.69 15.52
N ILE B 97 -0.88 22.49 16.52
CA ILE B 97 -1.91 21.48 16.39
C ILE B 97 -2.87 21.82 15.26
N GLU B 98 -3.25 23.10 15.17
CA GLU B 98 -4.17 23.55 14.13
C GLU B 98 -3.54 23.41 12.75
N VAL B 99 -2.28 23.81 12.62
CA VAL B 99 -1.53 23.69 11.38
C VAL B 99 -1.43 22.23 10.92
N ILE B 100 -1.07 21.32 11.82
CA ILE B 100 -0.94 19.91 11.46
C ILE B 100 -2.30 19.34 11.02
N ALA B 101 -3.34 19.68 11.77
CA ALA B 101 -4.68 19.20 11.46
C ALA B 101 -5.14 19.67 10.08
N CYS B 102 -4.93 20.94 9.76
N CYS B 102 -4.92 20.94 9.77
CA CYS B 102 -5.34 21.44 8.44
CA CYS B 102 -5.28 21.49 8.46
C CYS B 102 -4.62 20.71 7.31
C CYS B 102 -4.61 20.72 7.33
N GLN B 103 -3.30 20.57 7.43
CA GLN B 103 -2.51 19.86 6.42
C GLN B 103 -3.01 18.42 6.24
N LEU B 104 -3.19 17.73 7.37
CA LEU B 104 -3.65 16.34 7.37
C LEU B 104 -5.01 16.20 6.69
N TYR B 105 -5.93 17.09 7.05
CA TYR B 105 -7.28 17.02 6.51
C TYR B 105 -7.30 17.28 5.00
N ILE B 106 -6.45 18.19 4.52
CA ILE B 106 -6.28 18.41 3.09
C ILE B 106 -5.80 17.12 2.41
N GLU B 107 -4.84 16.45 3.02
CA GLU B 107 -4.33 15.19 2.47
C GLU B 107 -5.41 14.09 2.50
N MET B 108 -6.22 14.07 3.56
CA MET B 108 -7.34 13.13 3.61
C MET B 108 -8.32 13.34 2.46
N LEU B 109 -8.67 14.60 2.22
CA LEU B 109 -9.60 14.95 1.16
C LEU B 109 -9.07 14.47 -0.18
N LYS B 110 -7.78 14.70 -0.43
CA LYS B 110 -7.16 14.32 -1.71
C LYS B 110 -7.17 12.81 -1.91
N ALA B 111 -7.24 12.08 -0.80
CA ALA B 111 -7.26 10.62 -0.83
C ALA B 111 -8.67 10.06 -1.03
N GLY B 112 -9.69 10.91 -0.87
CA GLY B 112 -11.05 10.45 -0.97
C GLY B 112 -11.82 10.29 0.35
N TYR B 113 -11.17 10.61 1.46
CA TYR B 113 -11.87 10.68 2.74
C TYR B 113 -12.63 12.01 2.82
N THR B 114 -13.96 11.96 2.95
CA THR B 114 -14.77 13.18 2.93
C THR B 114 -15.24 13.65 4.31
N ALA B 115 -15.03 12.82 5.32
CA ALA B 115 -15.43 13.16 6.67
C ALA B 115 -14.53 12.40 7.62
N VAL B 116 -14.26 12.98 8.80
CA VAL B 116 -13.35 12.34 9.75
C VAL B 116 -13.91 12.37 11.17
N ALA B 117 -13.70 11.28 11.91
CA ALA B 117 -13.94 11.24 13.34
C ALA B 117 -12.63 11.45 14.08
N GLU B 118 -12.48 12.62 14.69
CA GLU B 118 -11.24 12.98 15.39
C GLU B 118 -11.32 12.57 16.84
N PHE B 119 -10.55 11.54 17.18
CA PHE B 119 -10.51 10.91 18.50
C PHE B 119 -9.48 11.74 19.24
N HIS B 120 -9.98 12.82 19.87
CA HIS B 120 -9.16 13.95 20.29
C HIS B 120 -8.87 13.93 21.79
N TYR B 121 -7.63 13.59 22.16
CA TYR B 121 -7.27 13.51 23.58
C TYR B 121 -6.22 14.52 24.04
N VAL B 122 -5.82 15.44 23.15
CA VAL B 122 -4.87 16.46 23.58
C VAL B 122 -5.68 17.68 24.02
N HIS B 123 -5.81 17.86 25.33
CA HIS B 123 -6.73 18.87 25.89
C HIS B 123 -6.06 20.10 26.49
N HIS B 124 -5.00 19.88 27.26
CA HIS B 124 -4.45 20.95 28.11
C HIS B 124 -3.09 21.48 27.67
N ASP B 125 -2.58 22.47 28.39
CA ASP B 125 -1.31 23.10 28.04
C ASP B 125 -0.12 22.20 28.37
N LEU B 126 1.09 22.69 28.14
CA LEU B 126 2.29 21.86 28.25
C LEU B 126 2.52 21.28 29.64
N ASP B 127 2.04 22.01 30.66
CA ASP B 127 2.21 21.61 32.05
C ASP B 127 1.00 20.84 32.57
N GLY B 128 0.03 20.57 31.69
CA GLY B 128 -1.18 19.86 32.08
C GLY B 128 -2.30 20.76 32.61
N ARG B 129 -2.03 22.06 32.64
CA ARG B 129 -2.98 23.04 33.13
C ARG B 129 -3.98 23.35 32.03
N SER B 130 -5.24 23.55 32.38
N SER B 130 -5.24 23.58 32.40
CA SER B 130 -6.24 23.84 31.35
CA SER B 130 -6.29 23.90 31.42
C SER B 130 -6.07 25.24 30.76
C SER B 130 -6.02 25.25 30.74
N TYR B 131 -6.46 25.38 29.50
CA TYR B 131 -6.38 26.65 28.79
C TYR B 131 -7.48 27.59 29.30
N ALA B 132 -7.36 28.89 29.02
CA ALA B 132 -8.35 29.88 29.45
C ALA B 132 -9.75 29.43 29.05
N ASP B 133 -9.87 28.98 27.81
CA ASP B 133 -11.06 28.26 27.38
C ASP B 133 -10.66 26.80 27.35
N PRO B 134 -11.25 25.99 28.25
CA PRO B 134 -10.92 24.57 28.38
C PRO B 134 -11.05 23.82 27.05
N ALA B 135 -11.91 24.32 26.17
CA ALA B 135 -12.15 23.69 24.88
C ALA B 135 -11.17 24.12 23.78
N GLU B 136 -10.16 24.93 24.13
CA GLU B 136 -9.24 25.53 23.15
C GLU B 136 -8.78 24.59 22.04
N LEU B 137 -8.25 23.43 22.40
CA LEU B 137 -7.68 22.54 21.38
C LEU B 137 -8.75 21.82 20.55
N SER B 138 -9.90 21.54 21.17
CA SER B 138 -11.06 21.01 20.44
C SER B 138 -11.52 22.02 19.38
N LEU B 139 -11.50 23.30 19.74
CA LEU B 139 -11.86 24.37 18.82
C LEU B 139 -10.87 24.48 17.66
N ARG B 140 -9.58 24.29 17.94
CA ARG B 140 -8.56 24.28 16.90
C ARG B 140 -8.85 23.17 15.87
N ILE B 141 -9.24 22.00 16.34
CA ILE B 141 -9.59 20.90 15.44
C ILE B 141 -10.75 21.29 14.53
N SER B 142 -11.82 21.83 15.13
CA SER B 142 -12.99 22.25 14.37
C SER B 142 -12.63 23.32 13.32
N ARG B 143 -11.89 24.34 13.75
CA ARG B 143 -11.42 25.37 12.84
C ARG B 143 -10.60 24.78 11.68
N ALA B 144 -9.73 23.81 11.98
CA ALA B 144 -8.94 23.17 10.93
C ALA B 144 -9.82 22.41 9.94
N ALA B 145 -10.81 21.67 10.46
CA ALA B 145 -11.70 20.92 9.57
C ALA B 145 -12.50 21.86 8.67
N SER B 146 -12.93 22.99 9.23
CA SER B 146 -13.63 24.00 8.44
C SER B 146 -12.74 24.57 7.35
N ALA B 147 -11.48 24.85 7.69
CA ALA B 147 -10.56 25.44 6.72
C ALA B 147 -10.30 24.47 5.57
N ALA B 148 -10.10 23.19 5.90
CA ALA B 148 -9.88 22.17 4.87
C ALA B 148 -11.15 21.86 4.09
N GLY B 149 -12.29 21.94 4.77
CA GLY B 149 -13.57 21.65 4.16
C GLY B 149 -14.03 20.22 4.36
N ILE B 150 -13.40 19.52 5.30
CA ILE B 150 -13.74 18.12 5.57
C ILE B 150 -14.87 18.01 6.62
N GLY B 151 -15.67 16.96 6.52
CA GLY B 151 -16.71 16.73 7.50
C GLY B 151 -16.06 16.30 8.79
N LEU B 152 -16.70 16.59 9.93
CA LEU B 152 -16.06 16.35 11.22
C LEU B 152 -17.02 15.90 12.31
N THR B 153 -16.71 14.75 12.89
CA THR B 153 -17.28 14.35 14.17
C THR B 153 -16.16 14.44 15.19
N LEU B 154 -16.25 15.42 16.08
CA LEU B 154 -15.25 15.57 17.12
C LEU B 154 -15.58 14.62 18.25
N LEU B 155 -14.60 13.83 18.65
CA LEU B 155 -14.74 12.93 19.78
C LEU B 155 -13.76 13.35 20.88
N PRO B 156 -14.18 14.31 21.72
CA PRO B 156 -13.29 14.63 22.84
C PRO B 156 -13.16 13.39 23.71
N VAL B 157 -11.95 13.10 24.15
CA VAL B 157 -11.67 11.83 24.80
C VAL B 157 -11.57 11.95 26.31
N LEU B 158 -12.30 11.08 27.03
CA LEU B 158 -12.10 10.95 28.48
C LEU B 158 -10.87 10.08 28.69
N TYR B 159 -9.89 10.65 29.38
CA TYR B 159 -8.62 9.98 29.66
C TYR B 159 -8.29 10.37 31.08
N SER B 160 -8.16 9.40 31.97
CA SER B 160 -7.98 9.75 33.39
C SER B 160 -6.87 8.99 34.10
N HIS B 161 -6.45 7.86 33.54
CA HIS B 161 -5.54 6.95 34.24
C HIS B 161 -4.50 6.30 33.35
N ALA B 162 -3.43 5.80 33.97
CA ALA B 162 -2.34 5.12 33.25
C ALA B 162 -2.57 3.62 33.05
N GLY B 163 -3.61 3.08 33.69
CA GLY B 163 -3.85 1.65 33.61
C GLY B 163 -5.05 1.24 34.43
N PHE B 164 -5.43 -0.04 34.33
CA PHE B 164 -6.58 -0.58 35.07
C PHE B 164 -6.49 -0.30 36.55
N GLY B 165 -7.64 -0.24 37.20
CA GLY B 165 -7.67 -0.01 38.63
C GLY B 165 -7.55 1.46 39.01
N GLY B 166 -7.66 2.35 38.04
CA GLY B 166 -7.56 3.77 38.32
C GLY B 166 -6.14 4.19 38.64
N GLN B 167 -5.17 3.56 37.99
CA GLN B 167 -3.77 3.87 38.23
C GLN B 167 -3.53 5.35 37.89
N PRO B 168 -2.81 6.08 38.76
CA PRO B 168 -2.60 7.51 38.50
C PRO B 168 -1.98 7.75 37.13
N ALA B 169 -2.39 8.81 36.44
CA ALA B 169 -1.84 9.11 35.13
C ALA B 169 -0.32 9.34 35.21
N SER B 170 0.40 8.94 34.18
CA SER B 170 1.83 9.22 34.13
C SER B 170 2.05 10.68 33.75
N GLU B 171 3.26 11.17 33.98
CA GLU B 171 3.60 12.53 33.63
C GLU B 171 3.42 12.76 32.13
N GLY B 172 3.73 11.72 31.34
CA GLY B 172 3.61 11.80 29.90
C GLY B 172 2.19 11.95 29.38
N GLN B 173 1.22 11.64 30.23
CA GLN B 173 -0.19 11.72 29.87
C GLN B 173 -0.86 13.01 30.38
N ARG B 174 -0.09 13.90 30.97
CA ARG B 174 -0.67 15.05 31.66
C ARG B 174 -1.58 15.94 30.80
N ARG B 175 -1.30 16.04 29.50
CA ARG B 175 -2.12 16.89 28.64
C ARG B 175 -3.48 16.29 28.33
N PHE B 176 -3.64 14.99 28.60
CA PHE B 176 -4.85 14.27 28.19
C PHE B 176 -5.93 14.30 29.29
N ILE B 177 -5.52 14.57 30.52
CA ILE B 177 -6.32 14.18 31.70
C ILE B 177 -7.50 15.09 32.04
N ASN B 178 -8.67 14.47 32.18
CA ASN B 178 -9.84 15.09 32.78
C ASN B 178 -10.53 14.08 33.67
N GLY B 179 -11.10 14.54 34.78
CA GLY B 179 -12.00 13.73 35.57
C GLY B 179 -13.36 13.75 34.88
N SER B 180 -14.30 12.98 35.41
CA SER B 180 -15.62 12.90 34.80
C SER B 180 -16.35 14.23 34.73
N GLU B 181 -16.26 15.02 35.81
CA GLU B 181 -16.95 16.30 35.86
C GLU B 181 -16.47 17.24 34.75
N ALA B 182 -15.15 17.37 34.62
CA ALA B 182 -14.59 18.28 33.61
C ALA B 182 -14.88 17.81 32.19
N TYR B 183 -14.81 16.50 31.99
CA TYR B 183 -15.14 15.93 30.70
C TYR B 183 -16.59 16.24 30.32
N LEU B 184 -17.52 16.02 31.24
CA LEU B 184 -18.93 16.30 30.96
C LEU B 184 -19.19 17.79 30.71
N GLU B 185 -18.43 18.66 31.37
CA GLU B 185 -18.50 20.10 31.10
C GLU B 185 -18.00 20.42 29.69
N LEU B 186 -16.89 19.81 29.30
CA LEU B 186 -16.33 20.01 27.97
C LEU B 186 -17.35 19.68 26.88
N LEU B 187 -18.00 18.52 27.01
CA LEU B 187 -19.07 18.14 26.09
C LEU B 187 -20.12 19.23 25.94
N GLN B 188 -20.59 19.78 27.05
CA GLN B 188 -21.59 20.84 27.00
C GLN B 188 -21.06 22.13 26.39
N ARG B 189 -19.83 22.50 26.73
CA ARG B 189 -19.19 23.68 26.13
C ARG B 189 -19.09 23.58 24.61
N LEU B 190 -18.85 22.37 24.13
CA LEU B 190 -18.58 22.15 22.70
C LEU B 190 -19.83 22.14 21.83
N ARG B 191 -20.98 21.92 22.44
CA ARG B 191 -22.21 21.70 21.67
C ARG B 191 -22.51 22.86 20.71
N ALA B 192 -22.47 24.09 21.22
CA ALA B 192 -22.83 25.25 20.41
C ALA B 192 -21.84 25.58 19.28
N PRO B 193 -20.53 25.66 19.58
CA PRO B 193 -19.62 25.97 18.46
C PRO B 193 -19.56 24.88 17.38
N LEU B 194 -19.67 23.60 17.76
CA LEU B 194 -19.63 22.55 16.76
C LEU B 194 -20.85 22.65 15.87
N GLU B 195 -22.01 22.88 16.48
CA GLU B 195 -23.25 23.03 15.74
C GLU B 195 -23.16 24.23 14.79
N ALA B 196 -22.57 25.31 15.29
CA ALA B 196 -22.41 26.52 14.49
C ALA B 196 -21.52 26.29 13.27
N ALA B 197 -20.64 25.29 13.35
CA ALA B 197 -19.73 25.00 12.25
C ALA B 197 -20.23 23.85 11.39
N GLY B 198 -21.40 23.32 11.76
CA GLY B 198 -21.97 22.19 11.05
C GLY B 198 -21.23 20.89 11.30
N HIS B 199 -20.56 20.80 12.45
CA HIS B 199 -19.84 19.59 12.82
C HIS B 199 -20.62 18.81 13.87
N SER B 200 -20.23 17.55 14.06
CA SER B 200 -20.90 16.65 15.00
C SER B 200 -20.05 16.35 16.22
N LEU B 201 -20.67 15.71 17.21
CA LEU B 201 -20.00 15.42 18.48
C LEU B 201 -20.25 13.95 18.83
N GLY B 202 -19.29 13.31 19.49
CA GLY B 202 -19.54 11.99 20.04
C GLY B 202 -18.91 11.84 21.41
N LEU B 203 -19.40 10.88 22.20
CA LEU B 203 -18.79 10.51 23.48
C LEU B 203 -17.60 9.63 23.19
N CYS B 204 -16.60 9.65 24.06
CA CYS B 204 -15.41 8.85 23.78
C CYS B 204 -14.59 8.55 25.03
N PHE B 205 -14.28 7.27 25.22
CA PHE B 205 -13.42 6.81 26.30
C PHE B 205 -12.15 6.38 25.61
N HIS B 206 -10.98 6.78 26.11
CA HIS B 206 -9.74 6.41 25.43
C HIS B 206 -9.63 4.90 25.29
N SER B 207 -9.83 4.19 26.40
CA SER B 207 -9.66 2.75 26.47
C SER B 207 -10.04 2.28 27.86
N LEU B 208 -10.12 0.97 28.04
CA LEU B 208 -10.39 0.45 29.38
C LEU B 208 -9.20 0.62 30.31
N ARG B 209 -8.03 0.93 29.75
CA ARG B 209 -6.86 1.22 30.57
C ARG B 209 -6.95 2.64 31.17
N ALA B 210 -7.59 3.54 30.46
CA ALA B 210 -7.50 4.97 30.78
C ALA B 210 -8.67 5.53 31.58
N VAL B 211 -9.75 4.76 31.69
CA VAL B 211 -10.94 5.21 32.42
C VAL B 211 -11.44 4.06 33.29
N THR B 212 -12.15 4.37 34.37
CA THR B 212 -12.65 3.31 35.25
C THR B 212 -14.06 2.90 34.84
N PRO B 213 -14.53 1.73 35.32
CA PRO B 213 -15.92 1.34 35.10
C PRO B 213 -16.93 2.36 35.63
N GLN B 214 -16.68 2.98 36.77
CA GLN B 214 -17.64 3.96 37.28
C GLN B 214 -17.69 5.18 36.37
N GLN B 215 -16.55 5.56 35.83
CA GLN B 215 -16.50 6.70 34.92
C GLN B 215 -17.32 6.42 33.67
N ILE B 216 -17.19 5.19 33.15
CA ILE B 216 -17.97 4.78 31.99
C ILE B 216 -19.47 4.87 32.28
N ALA B 217 -19.89 4.30 33.41
CA ALA B 217 -21.30 4.29 33.78
C ALA B 217 -21.83 5.71 33.99
N THR B 218 -21.02 6.54 34.66
CA THR B 218 -21.38 7.94 34.92
C THR B 218 -21.58 8.69 33.61
N VAL B 219 -20.61 8.58 32.72
CA VAL B 219 -20.72 9.31 31.45
C VAL B 219 -21.92 8.84 30.64
N LEU B 220 -22.14 7.53 30.62
CA LEU B 220 -23.27 6.97 29.89
C LEU B 220 -24.61 7.32 30.51
N ALA B 221 -24.61 7.64 31.80
CA ALA B 221 -25.84 8.00 32.50
C ALA B 221 -26.14 9.50 32.40
N ALA B 222 -25.27 10.23 31.73
CA ALA B 222 -25.36 11.70 31.68
C ALA B 222 -26.36 12.24 30.65
N GLY B 223 -27.01 11.37 29.88
CA GLY B 223 -28.13 11.79 29.06
C GLY B 223 -27.85 12.10 27.59
N HIS B 224 -26.58 11.98 27.18
CA HIS B 224 -26.24 12.20 25.78
C HIS B 224 -26.51 10.93 24.97
N ASP B 225 -27.78 10.51 24.95
CA ASP B 225 -28.11 9.17 24.46
C ASP B 225 -28.10 9.03 22.96
N ASP B 226 -27.97 10.16 22.26
CA ASP B 226 -28.09 10.20 20.81
C ASP B 226 -26.74 10.21 20.11
N LEU B 227 -25.66 10.30 20.88
CA LEU B 227 -24.32 10.49 20.29
C LEU B 227 -23.63 9.17 20.05
N PRO B 228 -22.73 9.14 19.04
CA PRO B 228 -21.83 8.00 18.87
C PRO B 228 -21.00 7.82 20.15
N VAL B 229 -20.57 6.59 20.42
CA VAL B 229 -19.67 6.33 21.54
C VAL B 229 -18.49 5.54 21.00
N HIS B 230 -17.28 6.09 21.13
CA HIS B 230 -16.08 5.43 20.62
C HIS B 230 -15.12 5.02 21.75
N ILE B 231 -14.36 3.96 21.50
CA ILE B 231 -13.35 3.51 22.45
C ILE B 231 -12.28 2.67 21.73
N HIS B 232 -11.00 2.86 22.07
CA HIS B 232 -9.96 1.89 21.65
C HIS B 232 -10.17 0.63 22.46
N ILE B 233 -10.18 -0.54 21.84
CA ILE B 233 -10.29 -1.75 22.63
C ILE B 233 -9.61 -2.97 22.02
N ALA B 234 -8.93 -3.74 22.87
CA ALA B 234 -8.33 -5.01 22.50
C ALA B 234 -7.27 -4.91 21.39
N GLU B 235 -6.62 -3.76 21.29
CA GLU B 235 -5.60 -3.57 20.27
C GLU B 235 -4.33 -4.41 20.51
N GLN B 236 -3.92 -4.52 21.77
CA GLN B 236 -2.66 -5.15 22.15
C GLN B 236 -2.85 -6.28 23.18
N GLN B 237 -2.00 -7.31 23.11
CA GLN B 237 -2.10 -8.44 24.02
C GLN B 237 -1.98 -8.02 25.48
N LYS B 238 -1.13 -7.04 25.76
CA LYS B 238 -0.93 -6.63 27.14
C LYS B 238 -2.23 -6.11 27.76
N GLU B 239 -3.07 -5.46 26.95
CA GLU B 239 -4.34 -4.96 27.48
C GLU B 239 -5.25 -6.14 27.84
N VAL B 240 -5.24 -7.17 27.00
CA VAL B 240 -6.02 -8.40 27.25
C VAL B 240 -5.59 -9.04 28.56
N ASP B 241 -4.28 -9.22 28.72
CA ASP B 241 -3.73 -9.84 29.92
C ASP B 241 -4.07 -9.05 31.17
N ASP B 242 -3.90 -7.73 31.10
CA ASP B 242 -4.17 -6.88 32.26
C ASP B 242 -5.66 -6.81 32.60
N CYS B 243 -6.51 -6.80 31.58
CA CYS B 243 -7.95 -6.82 31.82
C CYS B 243 -8.33 -8.12 32.51
N GLN B 244 -7.74 -9.22 32.05
CA GLN B 244 -7.98 -10.52 32.66
C GLN B 244 -7.57 -10.50 34.13
N ALA B 245 -6.42 -9.91 34.41
CA ALA B 245 -5.91 -9.81 35.78
C ALA B 245 -6.80 -8.97 36.69
N TRP B 246 -7.39 -7.91 36.14
CA TRP B 246 -8.22 -7.02 36.96
C TRP B 246 -9.70 -7.41 37.05
N SER B 247 -10.18 -8.25 36.12
CA SER B 247 -11.61 -8.47 36.00
C SER B 247 -12.02 -9.93 35.78
N GLY B 248 -11.06 -10.76 35.40
CA GLY B 248 -11.36 -12.15 35.08
C GLY B 248 -12.05 -12.27 33.73
N ARG B 249 -11.99 -11.21 32.92
CA ARG B 249 -12.58 -11.21 31.58
C ARG B 249 -11.56 -10.72 30.55
N ARG B 250 -11.87 -10.91 29.27
CA ARG B 250 -11.14 -10.23 28.21
C ARG B 250 -11.78 -8.86 27.98
N PRO B 251 -11.06 -7.93 27.33
CA PRO B 251 -11.60 -6.57 27.18
C PRO B 251 -12.97 -6.50 26.50
N LEU B 252 -13.13 -7.09 25.33
CA LEU B 252 -14.42 -7.02 24.62
C LEU B 252 -15.51 -7.74 25.45
N GLN B 253 -15.18 -8.93 25.92
CA GLN B 253 -16.06 -9.67 26.82
C GLN B 253 -16.51 -8.79 28.00
N TRP B 254 -15.55 -8.10 28.61
CA TRP B 254 -15.84 -7.25 29.76
C TRP B 254 -16.82 -6.13 29.39
N LEU B 255 -16.52 -5.43 28.30
CA LEU B 255 -17.38 -4.33 27.85
C LEU B 255 -18.81 -4.80 27.63
N TYR B 256 -18.96 -5.93 26.95
CA TYR B 256 -20.29 -6.44 26.63
C TYR B 256 -21.02 -6.95 27.86
N GLU B 257 -20.27 -7.38 28.87
CA GLU B 257 -20.86 -7.83 30.14
C GLU B 257 -21.33 -6.68 31.02
N ASN B 258 -20.70 -5.51 30.87
CA ASN B 258 -20.90 -4.41 31.82
C ASN B 258 -21.58 -3.16 31.27
N VAL B 259 -21.68 -3.09 29.95
CA VAL B 259 -22.22 -1.93 29.27
C VAL B 259 -23.17 -2.42 28.18
N ALA B 260 -24.27 -1.70 27.96
CA ALA B 260 -25.19 -2.02 26.87
C ALA B 260 -24.67 -1.51 25.52
N VAL B 261 -23.68 -2.20 24.96
CA VAL B 261 -23.10 -1.83 23.67
C VAL B 261 -24.10 -2.05 22.55
N ASP B 262 -24.21 -1.09 21.65
CA ASP B 262 -25.18 -1.20 20.56
C ASP B 262 -24.71 -0.45 19.31
N GLN B 263 -25.66 -0.10 18.45
CA GLN B 263 -25.34 0.52 17.17
C GLN B 263 -24.64 1.88 17.27
N ARG B 264 -24.71 2.52 18.44
CA ARG B 264 -24.07 3.84 18.65
C ARG B 264 -22.57 3.71 18.73
N TRP B 265 -22.10 2.51 19.04
CA TRP B 265 -20.71 2.30 19.41
C TRP B 265 -19.80 2.01 18.23
N CYS B 266 -18.58 2.53 18.31
CA CYS B 266 -17.50 2.17 17.41
C CYS B 266 -16.38 1.63 18.27
N LEU B 267 -16.03 0.37 18.05
CA LEU B 267 -14.99 -0.30 18.83
C LEU B 267 -13.72 -0.27 18.00
N VAL B 268 -12.78 0.59 18.36
CA VAL B 268 -11.62 0.81 17.52
C VAL B 268 -10.59 -0.30 17.74
N HIS B 269 -10.12 -0.84 16.62
CA HIS B 269 -9.19 -1.99 16.55
C HIS B 269 -9.89 -3.32 16.82
N ALA B 270 -10.28 -3.56 18.08
CA ALA B 270 -10.94 -4.82 18.47
C ALA B 270 -10.16 -6.03 17.97
N THR B 271 -8.85 -5.85 17.84
CA THR B 271 -7.99 -6.80 17.15
C THR B 271 -8.02 -8.17 17.82
N HIS B 272 -7.88 -8.19 19.14
CA HIS B 272 -7.90 -9.43 19.89
C HIS B 272 -9.32 -9.82 20.27
N ALA B 273 -10.12 -10.15 19.27
CA ALA B 273 -11.50 -10.58 19.48
C ALA B 273 -11.57 -12.08 19.28
N ASP B 274 -11.92 -12.82 20.33
CA ASP B 274 -12.08 -14.27 20.20
C ASP B 274 -13.44 -14.60 19.56
N PRO B 275 -13.68 -15.88 19.17
CA PRO B 275 -14.92 -16.13 18.43
C PRO B 275 -16.19 -15.69 19.14
N ALA B 276 -16.27 -15.85 20.47
CA ALA B 276 -17.46 -15.42 21.19
C ALA B 276 -17.56 -13.89 21.16
N GLU B 277 -16.41 -13.22 21.19
CA GLU B 277 -16.40 -11.76 21.16
C GLU B 277 -16.82 -11.22 19.78
N VAL B 278 -16.33 -11.87 18.74
CA VAL B 278 -16.73 -11.54 17.37
C VAL B 278 -18.24 -11.69 17.20
N ALA B 279 -18.80 -12.79 17.71
CA ALA B 279 -20.24 -13.02 17.59
C ALA B 279 -21.04 -11.93 18.32
N ALA B 280 -20.63 -11.57 19.53
CA ALA B 280 -21.34 -10.54 20.30
C ALA B 280 -21.25 -9.18 19.62
N MET B 281 -20.09 -8.86 19.04
CA MET B 281 -19.95 -7.63 18.28
C MET B 281 -20.96 -7.59 17.12
N ALA B 282 -20.96 -8.64 16.30
CA ALA B 282 -21.86 -8.67 15.15
C ALA B 282 -23.32 -8.59 15.56
N ARG B 283 -23.68 -9.31 16.62
CA ARG B 283 -25.05 -9.31 17.12
C ARG B 283 -25.50 -7.90 17.55
N SER B 284 -24.57 -7.15 18.14
CA SER B 284 -24.86 -5.84 18.74
C SER B 284 -25.05 -4.74 17.70
N GLY B 285 -24.49 -4.92 16.52
CA GLY B 285 -24.58 -3.91 15.49
C GLY B 285 -23.58 -2.78 15.68
N ALA B 286 -22.67 -2.92 16.64
CA ALA B 286 -21.57 -1.95 16.79
C ALA B 286 -20.64 -2.00 15.59
N VAL B 287 -19.92 -0.90 15.35
CA VAL B 287 -18.99 -0.82 14.23
C VAL B 287 -17.56 -1.09 14.69
N ALA B 288 -16.91 -2.05 14.04
CA ALA B 288 -15.49 -2.28 14.25
C ALA B 288 -14.70 -1.20 13.49
N GLY B 289 -13.88 -0.45 14.21
CA GLY B 289 -13.10 0.61 13.58
C GLY B 289 -11.72 0.09 13.25
N LEU B 290 -11.56 -0.40 12.03
CA LEU B 290 -10.32 -1.07 11.62
C LEU B 290 -9.34 -0.09 11.00
N CYS B 291 -8.13 -0.06 11.53
CA CYS B 291 -7.13 0.90 11.05
C CYS B 291 -5.94 0.08 10.53
N LEU B 292 -6.06 -0.38 9.29
CA LEU B 292 -5.20 -1.46 8.82
C LEU B 292 -3.74 -1.06 8.71
N SER B 293 -3.47 0.13 8.17
CA SER B 293 -2.08 0.53 7.99
C SER B 293 -1.43 0.74 9.35
N THR B 294 -2.16 1.34 10.29
CA THR B 294 -1.59 1.60 11.61
C THR B 294 -1.42 0.31 12.41
N GLU B 295 -2.42 -0.58 12.33
CA GLU B 295 -2.33 -1.86 13.00
C GLU B 295 -1.14 -2.68 12.50
N ALA B 296 -0.89 -2.63 11.19
CA ALA B 296 0.30 -3.28 10.66
C ALA B 296 1.57 -2.58 11.12
N ASN B 297 1.60 -1.26 11.01
CA ASN B 297 2.75 -0.47 11.45
C ASN B 297 3.12 -0.73 12.92
N LEU B 298 2.10 -0.91 13.77
CA LEU B 298 2.33 -1.07 15.20
C LEU B 298 2.46 -2.54 15.62
N GLY B 299 2.33 -3.43 14.64
CA GLY B 299 2.38 -4.86 14.92
C GLY B 299 1.27 -5.34 15.83
N ASP B 300 0.06 -4.83 15.64
CA ASP B 300 -1.08 -5.27 16.45
C ASP B 300 -1.54 -6.67 16.10
N GLY B 301 -1.58 -6.97 14.81
CA GLY B 301 -2.06 -8.25 14.34
C GLY B 301 -3.21 -8.05 13.35
N ILE B 302 -3.87 -9.15 13.02
CA ILE B 302 -4.91 -9.19 11.99
C ILE B 302 -6.28 -9.46 12.60
N PHE B 303 -7.26 -8.63 12.27
CA PHE B 303 -8.63 -8.77 12.80
C PHE B 303 -9.34 -9.94 12.11
N PRO B 304 -10.21 -10.66 12.86
CA PRO B 304 -10.93 -11.75 12.21
C PRO B 304 -12.10 -11.24 11.36
N ALA B 305 -11.76 -10.53 10.29
CA ALA B 305 -12.74 -9.83 9.47
C ALA B 305 -13.68 -10.76 8.73
N THR B 306 -13.17 -11.89 8.23
CA THR B 306 -14.03 -12.83 7.52
C THR B 306 -15.11 -13.42 8.42
N ASP B 307 -14.74 -13.82 9.64
CA ASP B 307 -15.69 -14.38 10.61
C ASP B 307 -16.74 -13.33 11.00
N PHE B 308 -16.27 -12.11 11.24
CA PHE B 308 -17.10 -10.97 11.62
C PHE B 308 -18.10 -10.64 10.52
N LEU B 309 -17.60 -10.50 9.29
CA LEU B 309 -18.45 -10.15 8.16
C LEU B 309 -19.52 -11.21 7.89
N ALA B 310 -19.13 -12.47 8.00
CA ALA B 310 -20.03 -13.59 7.77
C ALA B 310 -21.23 -13.56 8.72
N GLN B 311 -21.05 -12.92 9.87
CA GLN B 311 -22.10 -12.88 10.88
C GLN B 311 -22.86 -11.56 10.91
N GLY B 312 -22.69 -10.75 9.87
CA GLY B 312 -23.42 -9.50 9.78
C GLY B 312 -22.69 -8.33 10.43
N GLY B 313 -21.41 -8.52 10.72
CA GLY B 313 -20.62 -7.48 11.34
C GLY B 313 -20.51 -6.22 10.49
N ARG B 314 -20.46 -5.08 11.15
CA ARG B 314 -20.33 -3.78 10.49
C ARG B 314 -18.97 -3.20 10.80
N LEU B 315 -18.31 -2.64 9.78
CA LEU B 315 -16.97 -2.14 9.98
C LEU B 315 -16.78 -0.86 9.20
N GLY B 316 -15.74 -0.11 9.56
CA GLY B 316 -15.31 1.05 8.79
C GLY B 316 -13.80 1.14 8.88
N ILE B 317 -13.20 2.08 8.16
CA ILE B 317 -11.76 2.24 8.21
C ILE B 317 -11.33 3.58 8.78
N GLY B 318 -10.19 3.59 9.46
CA GLY B 318 -9.62 4.81 10.02
C GLY B 318 -8.13 4.88 9.76
N SER B 319 -7.59 6.08 9.55
CA SER B 319 -6.16 6.23 9.29
C SER B 319 -5.31 6.36 10.58
N ASP B 320 -5.96 6.69 11.69
CA ASP B 320 -5.38 6.55 13.05
C ASP B 320 -4.09 7.36 13.30
N SER B 321 -2.93 6.69 13.19
CA SER B 321 -1.65 7.37 13.36
C SER B 321 -1.21 8.09 12.09
N HIS B 322 -1.95 7.86 11.01
CA HIS B 322 -1.74 8.57 9.74
C HIS B 322 -0.39 8.29 9.10
N VAL B 323 0.15 7.09 9.28
CA VAL B 323 1.28 6.72 8.45
C VAL B 323 0.82 6.54 7.01
N SER B 324 -0.45 6.15 6.84
CA SER B 324 -1.06 6.09 5.52
C SER B 324 -2.32 6.95 5.47
N LEU B 325 -2.50 7.66 4.37
CA LEU B 325 -3.71 8.44 4.12
C LEU B 325 -4.25 8.01 2.77
N SER B 326 -4.94 6.88 2.74
CA SER B 326 -5.30 6.22 1.50
C SER B 326 -6.46 5.25 1.73
N VAL B 327 -7.62 5.58 1.16
CA VAL B 327 -8.75 4.67 1.15
C VAL B 327 -8.35 3.36 0.46
N VAL B 328 -7.66 3.48 -0.67
CA VAL B 328 -7.17 2.31 -1.39
C VAL B 328 -6.34 1.39 -0.48
N GLU B 329 -5.32 1.95 0.15
CA GLU B 329 -4.44 1.13 0.97
C GLU B 329 -5.17 0.41 2.10
N GLU B 330 -6.08 1.10 2.79
CA GLU B 330 -6.79 0.48 3.91
C GLU B 330 -7.68 -0.68 3.44
N LEU B 331 -8.48 -0.45 2.40
CA LEU B 331 -9.40 -1.50 1.94
C LEU B 331 -8.61 -2.66 1.32
N ARG B 332 -7.57 -2.33 0.58
CA ARG B 332 -6.79 -3.35 -0.12
C ARG B 332 -6.13 -4.28 0.90
N TRP B 333 -5.52 -3.69 1.92
CA TRP B 333 -4.77 -4.49 2.88
C TRP B 333 -5.62 -5.07 4.00
N LEU B 334 -6.85 -4.56 4.15
CA LEU B 334 -7.85 -5.28 4.95
C LEU B 334 -8.08 -6.64 4.30
N GLU B 335 -8.32 -6.64 3.00
CA GLU B 335 -8.48 -7.90 2.28
C GLU B 335 -7.17 -8.71 2.23
N TYR B 336 -6.06 -8.09 1.85
CA TYR B 336 -4.80 -8.84 1.75
C TYR B 336 -4.37 -9.48 3.08
N GLY B 337 -4.66 -8.81 4.20
CA GLY B 337 -4.33 -9.38 5.50
C GLY B 337 -5.07 -10.69 5.72
N GLN B 338 -6.33 -10.73 5.31
CA GLN B 338 -7.11 -11.97 5.40
C GLN B 338 -6.52 -13.05 4.48
N ARG B 339 -6.06 -12.64 3.30
CA ARG B 339 -5.46 -13.58 2.33
C ARG B 339 -4.16 -14.18 2.85
N LEU B 340 -3.31 -13.35 3.44
CA LEU B 340 -2.06 -13.83 4.00
C LEU B 340 -2.28 -14.81 5.17
N ARG B 341 -3.25 -14.50 6.02
CA ARG B 341 -3.57 -15.38 7.14
C ARG B 341 -4.13 -16.72 6.66
N ASP B 342 -5.12 -16.68 5.77
CA ASP B 342 -5.81 -17.89 5.33
C ASP B 342 -5.08 -18.61 4.22
N ARG B 343 -4.13 -17.89 3.60
CA ARG B 343 -3.43 -18.40 2.43
C ARG B 343 -4.41 -18.80 1.32
N LYS B 344 -5.40 -17.94 1.11
CA LYS B 344 -6.43 -18.11 0.09
C LYS B 344 -6.75 -16.73 -0.49
N ARG B 345 -7.47 -16.70 -1.60
CA ARG B 345 -7.87 -15.41 -2.18
C ARG B 345 -9.34 -15.12 -1.91
N ASN B 346 -9.76 -13.93 -2.32
CA ASN B 346 -11.17 -13.52 -2.29
C ASN B 346 -11.89 -13.85 -1.00
N ARG B 347 -11.47 -13.15 0.06
CA ARG B 347 -11.89 -13.46 1.43
C ARG B 347 -13.14 -12.72 1.85
N LEU B 348 -13.16 -11.41 1.59
CA LEU B 348 -14.26 -10.58 2.03
C LEU B 348 -15.28 -10.30 0.91
N TYR B 349 -16.36 -11.08 0.90
CA TYR B 349 -17.45 -10.92 -0.04
C TYR B 349 -18.75 -11.21 0.69
N ARG B 350 -19.89 -10.89 0.09
CA ARG B 350 -21.19 -11.23 0.69
C ARG B 350 -21.88 -12.30 -0.12
N ASP B 351 -22.89 -12.93 0.48
CA ASP B 351 -23.70 -13.94 -0.21
C ASP B 351 -24.28 -13.35 -1.49
N ASP B 352 -24.60 -12.07 -1.45
CA ASP B 352 -25.23 -11.44 -2.60
C ASP B 352 -24.28 -10.53 -3.37
N GLN B 353 -22.98 -10.59 -3.03
CA GLN B 353 -21.99 -9.77 -3.70
C GLN B 353 -20.62 -10.44 -3.75
N PRO B 354 -20.32 -11.14 -4.85
CA PRO B 354 -19.02 -11.80 -4.99
C PRO B 354 -17.87 -10.84 -5.29
N MET B 355 -18.17 -9.62 -5.72
CA MET B 355 -17.11 -8.66 -6.04
C MET B 355 -16.47 -8.15 -4.75
N ILE B 356 -15.16 -8.35 -4.63
CA ILE B 356 -14.46 -8.02 -3.39
C ILE B 356 -14.41 -6.51 -3.16
N GLY B 357 -14.03 -5.75 -4.19
CA GLY B 357 -13.92 -4.31 -4.05
C GLY B 357 -15.23 -3.65 -3.62
N ARG B 358 -16.30 -4.02 -4.29
CA ARG B 358 -17.62 -3.50 -3.97
C ARG B 358 -18.04 -3.90 -2.54
N THR B 359 -17.76 -5.13 -2.13
CA THR B 359 -18.05 -5.55 -0.76
C THR B 359 -17.34 -4.67 0.26
N LEU B 360 -16.06 -4.43 0.03
CA LEU B 360 -15.26 -3.62 0.93
C LEU B 360 -15.76 -2.17 0.98
N TYR B 361 -16.05 -1.61 -0.19
CA TYR B 361 -16.48 -0.23 -0.27
C TYR B 361 -17.87 -0.05 0.37
N ASP B 362 -18.80 -0.92 0.00
CA ASP B 362 -20.14 -0.92 0.61
C ASP B 362 -20.03 -0.93 2.12
N ALA B 363 -19.19 -1.83 2.64
CA ALA B 363 -19.08 -2.06 4.08
C ALA B 363 -18.54 -0.83 4.80
N ALA B 364 -17.40 -0.33 4.34
CA ALA B 364 -16.74 0.81 4.98
C ALA B 364 -17.52 2.12 4.87
N LEU B 365 -18.28 2.30 3.79
CA LEU B 365 -19.19 3.45 3.67
C LEU B 365 -20.24 3.40 4.78
N ALA B 366 -20.86 2.23 4.94
CA ALA B 366 -21.96 2.08 5.88
C ALA B 366 -21.50 2.17 7.33
N GLY B 367 -20.42 1.46 7.65
CA GLY B 367 -19.88 1.49 9.00
C GLY B 367 -19.32 2.84 9.37
N GLY B 368 -18.64 3.48 8.40
CA GLY B 368 -18.08 4.80 8.61
C GLY B 368 -19.16 5.84 8.88
N ALA B 369 -20.24 5.81 8.10
CA ALA B 369 -21.31 6.78 8.32
C ALA B 369 -21.98 6.56 9.69
N GLN B 370 -22.20 5.30 10.03
CA GLN B 370 -22.82 4.95 11.30
C GLN B 370 -21.93 5.41 12.46
N ALA B 371 -20.63 5.10 12.38
CA ALA B 371 -19.69 5.46 13.44
C ALA B 371 -19.56 6.97 13.65
N LEU B 372 -19.64 7.74 12.56
CA LEU B 372 -19.54 9.20 12.70
C LEU B 372 -20.84 9.86 13.16
N GLY B 373 -21.95 9.16 12.98
CA GLY B 373 -23.26 9.73 13.29
C GLY B 373 -23.63 10.86 12.35
N GLN B 374 -23.17 10.79 11.11
CA GLN B 374 -23.49 11.81 10.12
C GLN B 374 -24.34 11.21 8.99
N PRO B 375 -25.15 12.05 8.32
CA PRO B 375 -25.99 11.56 7.23
C PRO B 375 -25.22 11.44 5.92
N ILE B 376 -24.26 10.52 5.88
CA ILE B 376 -23.33 10.39 4.76
C ILE B 376 -23.22 8.92 4.32
N GLY B 377 -22.22 8.61 3.50
CA GLY B 377 -21.96 7.24 3.09
C GLY B 377 -22.95 6.68 2.07
N SER B 378 -23.80 7.56 1.55
CA SER B 378 -24.86 7.14 0.64
C SER B 378 -25.33 8.31 -0.24
N LEU B 379 -25.40 8.07 -1.55
CA LEU B 379 -25.90 9.09 -2.47
C LEU B 379 -27.41 8.96 -2.62
N ALA B 380 -28.12 9.42 -1.60
CA ALA B 380 -29.58 9.40 -1.59
C ALA B 380 -30.11 10.77 -1.17
N VAL B 381 -31.33 11.08 -1.60
CA VAL B 381 -31.93 12.37 -1.26
C VAL B 381 -32.02 12.49 0.26
N GLY B 382 -31.68 13.67 0.77
CA GLY B 382 -31.66 13.87 2.21
C GLY B 382 -30.30 13.63 2.85
N ARG B 383 -29.42 12.90 2.16
CA ARG B 383 -28.06 12.72 2.63
C ARG B 383 -27.19 13.89 2.17
N ARG B 384 -26.10 14.15 2.90
CA ARG B 384 -25.22 15.24 2.53
C ARG B 384 -24.47 14.94 1.23
N ALA B 385 -24.22 15.99 0.44
CA ALA B 385 -23.53 15.81 -0.84
C ALA B 385 -22.03 15.66 -0.63
N ASP B 386 -21.60 14.46 -0.23
CA ASP B 386 -20.18 14.12 -0.11
C ASP B 386 -19.83 13.08 -1.16
N LEU B 387 -18.97 13.42 -2.10
CA LEU B 387 -18.66 12.48 -3.16
C LEU B 387 -17.26 12.64 -3.73
N LEU B 388 -16.75 11.57 -4.33
CA LEU B 388 -15.52 11.67 -5.09
C LEU B 388 -15.75 11.31 -6.56
N VAL B 389 -14.91 11.85 -7.43
CA VAL B 389 -14.97 11.54 -8.84
C VAL B 389 -13.63 10.91 -9.22
N LEU B 390 -13.68 9.69 -9.74
CA LEU B 390 -12.46 9.03 -10.19
C LEU B 390 -12.03 9.55 -11.57
N ASP B 391 -10.83 9.18 -12.01
CA ASP B 391 -10.28 9.67 -13.26
C ASP B 391 -10.89 8.97 -14.47
N GLY B 392 -11.73 9.69 -15.20
CA GLY B 392 -12.39 9.15 -16.37
C GLY B 392 -11.45 8.98 -17.56
N ASN B 393 -10.27 9.60 -17.47
CA ASN B 393 -9.29 9.48 -18.53
C ASN B 393 -8.30 8.36 -18.28
N ASP B 394 -8.36 7.76 -17.09
CA ASP B 394 -7.48 6.66 -16.75
C ASP B 394 -7.86 5.43 -17.59
N PRO B 395 -6.88 4.81 -18.27
CA PRO B 395 -7.23 3.72 -19.19
C PRO B 395 -7.82 2.49 -18.49
N TYR B 396 -7.40 2.21 -17.26
CA TYR B 396 -7.93 1.07 -16.52
C TYR B 396 -9.40 1.31 -16.16
N LEU B 397 -9.70 2.52 -15.71
CA LEU B 397 -11.05 2.84 -15.27
C LEU B 397 -11.99 3.05 -16.45
N ALA B 398 -11.49 3.69 -17.50
CA ALA B 398 -12.30 3.96 -18.68
C ALA B 398 -12.72 2.67 -19.39
N SER B 399 -11.91 1.63 -19.28
CA SER B 399 -12.19 0.39 -19.99
C SER B 399 -13.01 -0.57 -19.13
N ALA B 400 -13.31 -0.15 -17.90
CA ALA B 400 -14.04 -1.00 -16.97
C ALA B 400 -15.42 -0.43 -16.70
N GLU B 401 -16.29 -1.23 -16.10
CA GLU B 401 -17.67 -0.86 -15.88
C GLU B 401 -18.09 -1.32 -14.49
N GLY B 402 -18.92 -0.52 -13.82
CA GLY B 402 -19.51 -0.92 -12.55
C GLY B 402 -18.53 -1.46 -11.52
N ASP B 403 -18.84 -2.63 -10.97
CA ASP B 403 -18.03 -3.20 -9.89
C ASP B 403 -16.62 -3.55 -10.33
N ALA B 404 -16.43 -3.87 -11.61
CA ALA B 404 -15.09 -4.18 -12.10
C ALA B 404 -14.22 -2.94 -12.00
N LEU B 405 -14.85 -1.77 -12.14
CA LEU B 405 -14.13 -0.51 -12.01
C LEU B 405 -13.63 -0.31 -10.56
N LEU B 406 -14.44 -0.68 -9.57
CA LEU B 406 -14.00 -0.64 -8.19
C LEU B 406 -12.83 -1.59 -7.93
N ASN B 407 -12.86 -2.76 -8.58
CA ASN B 407 -11.74 -3.70 -8.43
C ASN B 407 -10.44 -3.14 -9.04
N ARG B 408 -10.53 -2.52 -10.21
CA ARG B 408 -9.35 -1.92 -10.84
C ARG B 408 -8.78 -0.85 -9.92
N TRP B 409 -9.64 0.01 -9.39
CA TRP B 409 -9.18 1.06 -8.49
C TRP B 409 -8.57 0.50 -7.21
N LEU B 410 -9.35 -0.28 -6.47
CA LEU B 410 -8.93 -0.71 -5.13
C LEU B 410 -7.77 -1.71 -5.15
N PHE B 411 -7.72 -2.56 -6.18
CA PHE B 411 -6.68 -3.60 -6.20
C PHE B 411 -5.58 -3.43 -7.23
N ALA B 412 -5.80 -2.61 -8.24
CA ALA B 412 -4.77 -2.40 -9.27
C ALA B 412 -4.35 -0.94 -9.43
N GLY B 413 -5.04 -0.03 -8.76
CA GLY B 413 -4.80 1.39 -8.94
C GLY B 413 -4.28 2.09 -7.69
N GLY B 414 -4.71 3.32 -7.48
CA GLY B 414 -4.24 4.05 -6.32
C GLY B 414 -4.85 5.42 -6.10
N ASP B 415 -4.27 6.18 -5.18
CA ASP B 415 -4.81 7.47 -4.77
C ASP B 415 -4.93 8.45 -5.92
N ARG B 416 -3.99 8.38 -6.85
CA ARG B 416 -3.92 9.33 -7.96
C ARG B 416 -5.15 9.26 -8.85
N GLN B 417 -5.91 8.18 -8.74
CA GLN B 417 -7.12 8.05 -9.57
C GLN B 417 -8.29 8.83 -8.98
N VAL B 418 -8.14 9.31 -7.75
CA VAL B 418 -9.13 10.23 -7.17
C VAL B 418 -8.82 11.64 -7.67
N ARG B 419 -9.74 12.23 -8.45
CA ARG B 419 -9.49 13.52 -9.09
C ARG B 419 -10.25 14.68 -8.46
N ASP B 420 -11.53 14.49 -8.20
CA ASP B 420 -12.33 15.58 -7.66
C ASP B 420 -13.08 15.11 -6.43
N VAL B 421 -13.15 15.98 -5.43
CA VAL B 421 -13.79 15.64 -4.16
C VAL B 421 -14.73 16.78 -3.73
N MET B 422 -15.95 16.40 -3.38
CA MET B 422 -16.96 17.36 -2.91
C MET B 422 -17.40 16.97 -1.50
N VAL B 423 -17.50 17.98 -0.63
CA VAL B 423 -18.00 17.77 0.72
C VAL B 423 -19.02 18.86 1.02
N ALA B 424 -20.23 18.45 1.43
CA ALA B 424 -21.32 19.38 1.72
C ALA B 424 -21.66 20.23 0.50
N GLY B 425 -21.59 19.60 -0.67
CA GLY B 425 -21.93 20.27 -1.91
C GLY B 425 -20.90 21.27 -2.39
N ARG B 426 -19.74 21.31 -1.75
CA ARG B 426 -18.68 22.24 -2.16
C ARG B 426 -17.47 21.47 -2.67
N TRP B 427 -16.94 21.88 -3.82
CA TRP B 427 -15.74 21.24 -4.36
C TRP B 427 -14.54 21.63 -3.53
N VAL B 428 -13.89 20.65 -2.91
CA VAL B 428 -12.71 20.91 -2.09
C VAL B 428 -11.42 20.38 -2.72
N VAL B 429 -11.54 19.45 -3.65
CA VAL B 429 -10.44 19.01 -4.49
C VAL B 429 -10.89 19.02 -5.93
N ARG B 430 -10.10 19.66 -6.80
CA ARG B 430 -10.34 19.71 -8.23
C ARG B 430 -9.08 19.34 -8.98
N ASP B 431 -9.19 18.32 -9.83
N ASP B 431 -9.17 18.32 -9.84
CA ASP B 431 -8.05 17.79 -10.57
CA ASP B 431 -8.01 17.84 -10.58
C ASP B 431 -6.86 17.55 -9.64
C ASP B 431 -6.84 17.50 -9.66
N GLY B 432 -7.14 16.96 -8.49
CA GLY B 432 -6.11 16.58 -7.53
C GLY B 432 -5.59 17.69 -6.64
N ARG B 433 -6.07 18.91 -6.84
CA ARG B 433 -5.57 20.08 -6.12
C ARG B 433 -6.58 20.66 -5.12
N HIS B 434 -6.08 21.03 -3.94
CA HIS B 434 -6.87 21.70 -2.92
C HIS B 434 -6.38 23.14 -2.82
N ALA B 435 -7.31 24.09 -2.76
CA ALA B 435 -6.96 25.51 -2.80
C ALA B 435 -6.03 25.97 -1.68
N GLY B 436 -6.09 25.30 -0.53
CA GLY B 436 -5.29 25.68 0.62
C GLY B 436 -3.96 24.96 0.73
N GLU B 437 -3.65 24.11 -0.25
CA GLU B 437 -2.48 23.24 -0.15
C GLU B 437 -1.15 23.99 -0.02
N GLU B 438 -1.02 25.10 -0.73
CA GLU B 438 0.26 25.80 -0.74
C GLU B 438 0.51 26.54 0.57
N ARG B 439 -0.47 27.32 1.02
CA ARG B 439 -0.38 27.99 2.31
C ARG B 439 -0.18 26.96 3.41
N SER B 440 -0.93 25.86 3.33
CA SER B 440 -0.83 24.81 4.33
C SER B 440 0.56 24.19 4.41
N ALA B 441 1.13 23.82 3.26
CA ALA B 441 2.42 23.15 3.26
C ALA B 441 3.52 24.09 3.78
N ARG B 442 3.42 25.36 3.43
CA ARG B 442 4.36 26.37 3.92
C ARG B 442 4.35 26.42 5.45
N ALA B 443 3.15 26.51 6.04
CA ALA B 443 3.02 26.55 7.50
C ALA B 443 3.45 25.24 8.14
N PHE B 444 3.14 24.14 7.47
CA PHE B 444 3.38 22.80 8.01
C PHE B 444 4.88 22.49 8.03
N VAL B 445 5.60 22.82 6.96
CA VAL B 445 7.04 22.57 6.91
C VAL B 445 7.74 23.35 8.02
N GLN B 446 7.25 24.56 8.29
CA GLN B 446 7.81 25.33 9.39
C GLN B 446 7.56 24.67 10.74
N VAL B 447 6.37 24.13 10.93
CA VAL B 447 6.05 23.41 12.16
C VAL B 447 6.91 22.15 12.31
N LEU B 448 7.08 21.40 11.23
CA LEU B 448 7.95 20.23 11.24
C LEU B 448 9.37 20.60 11.68
N GLY B 449 9.86 21.75 11.24
CA GLY B 449 11.17 22.23 11.67
C GLY B 449 11.23 22.56 13.16
N GLU B 450 10.18 23.17 13.68
CA GLU B 450 10.11 23.51 15.10
C GLU B 450 10.05 22.26 15.99
N LEU B 451 9.53 21.16 15.44
CA LEU B 451 9.34 19.95 16.22
C LEU B 451 10.59 19.09 16.30
N LEU B 452 11.57 19.37 15.43
CA LEU B 452 12.85 18.68 15.49
C LEU B 452 13.76 19.30 16.55
C NFQ C . 3.12 -17.66 -13.42
N NFQ C . 2.44 -16.93 -11.25
O1 NFQ C . 2.75 -16.51 -13.79
O2 NFQ C . 3.59 -18.47 -14.26
CA NFQ C . 2.99 -18.06 -11.98
CB NFQ C . 2.09 -19.26 -11.87
CF NFQ C . 2.56 -17.11 -9.85
NF NFQ C . 2.31 -16.06 -9.09
CG NFQ C . 2.76 -20.58 -11.71
OD1 NFQ C . 3.81 -20.66 -11.02
OD2 NFQ C . 2.30 -21.60 -12.28
ZN ZN D . 6.04 -14.89 -11.38
HG HG E . 11.04 -31.94 -6.31
HG HG F . 4.70 -0.24 -27.63
HG HG G . 5.27 2.63 -26.58
S SO4 H . 13.36 -32.31 -23.75
O1 SO4 H . 13.16 -32.16 -25.20
O2 SO4 H . 14.37 -33.32 -23.47
O3 SO4 H . 12.10 -32.72 -23.12
O4 SO4 H . 13.77 -31.02 -23.20
C1 GOL I . 24.22 10.94 -20.75
O1 GOL I . 25.47 11.55 -20.51
C2 GOL I . 24.01 10.80 -22.26
O2 GOL I . 24.13 12.07 -22.86
C3 GOL I . 22.62 10.23 -22.55
O3 GOL I . 22.34 10.28 -23.92
C NFQ J . -3.27 6.39 21.18
N NFQ J . -2.57 4.60 19.78
O1 NFQ J . -2.80 7.12 20.26
O2 NFQ J . -3.82 6.92 22.19
CA NFQ J . -3.16 4.90 21.06
CB NFQ J . -2.30 4.38 22.18
CF NFQ J . -2.70 3.22 19.45
NF NFQ J . -2.54 2.89 18.19
CG NFQ J . -2.96 3.76 23.37
OD1 NFQ J . -3.99 3.06 23.23
OD2 NFQ J . -2.48 3.95 24.54
ZN ZN K . -6.22 5.48 17.91
HG HG L . -11.26 -5.13 32.19
HG HG M . -5.25 25.77 6.92
HG HG N . -4.90 25.77 9.91
S SO4 O . -0.11 -14.77 10.03
O1 SO4 O . -0.74 -16.06 9.74
O2 SO4 O . 1.33 -14.96 10.16
O3 SO4 O . -0.65 -14.23 11.28
O4 SO4 O . -0.39 -13.84 8.94
S SO4 P . -13.19 11.15 38.22
O1 SO4 P . -13.81 11.21 36.90
O2 SO4 P . -11.88 10.53 38.10
O3 SO4 P . -14.03 10.34 39.10
O4 SO4 P . -13.05 12.51 38.74
S SO4 Q . -5.40 -13.75 22.78
O1 SO4 Q . -6.01 -15.04 22.43
O2 SO4 Q . -4.04 -13.75 22.25
O3 SO4 Q . -5.37 -13.63 24.25
O4 SO4 Q . -6.16 -12.65 22.20
#